data_1ECF
#
_entry.id   1ECF
#
_cell.length_a   116.900
_cell.length_b   157.500
_cell.length_c   106.300
_cell.angle_alpha   90.00
_cell.angle_beta   90.00
_cell.angle_gamma   90.00
#
_symmetry.space_group_name_H-M   'C 2 2 21'
#
loop_
_entity.id
_entity.type
_entity.pdbx_description
1 polymer 'GLUTAMINE PHOSPHORIBOSYLPYROPHOSPHATE AMIDOTRANSFERASE'
2 non-polymer "PIPERAZINE-N,N'-BIS(2-ETHANESULFONIC ACID)"
3 water water
#
_entity_poly.entity_id   1
_entity_poly.type   'polypeptide(L)'
_entity_poly.pdbx_seq_one_letter_code
;CGIVGIAGVMPVNQSIYDALTVLQHRGQDAAGIITIDANNCFRLRKANGLVSDVFEARHMQRLQGNMGIGHVRYPTAGSS
SASEAQPFYVNSPYGITLAHNGNLTNAHELRKKLFEEKRRHINTTSDSEILLNIFASELDNFRHYPLEADNIFAAIAATN
RLIRGAYACVAMIIGHGMVAFRDPNGIRPLVLGKRDIDENRTEYMVASESVALDTLGFDFLRDVAPGEAIYITEEGQLFT
RQCADNPVSNPCLFEYVYFARPDSFIDKISVYSARVNMGTKLGEKIAREWEDLDIDVVIPIPETSCDIALEIARILGKPY
RQGFVKNRYVGRTFIMPGQQLRRKSVRRKLNANRAEFRDKNVLLVDDSIVRGTTSEQIIEMAREAGAKKVYLASAAPEIR
FPNVYGIDMPSATELIAHGREVDEIRQIIGADGLIFQDLNDLIDAVRAENPDIQQFECSVFNGVYVTKDVDQGYLDFLDT
LRNDDAKAVQRQNEVENLEMHNEG
;
_entity_poly.pdbx_strand_id   A,B
#
# COMPACT_ATOMS: atom_id res chain seq x y z
N CYS A 1 17.64 -3.09 3.88
CA CYS A 1 17.55 -4.40 3.14
C CYS A 1 16.95 -5.38 4.11
N GLY A 2 16.41 -6.49 3.60
CA GLY A 2 15.83 -7.51 4.46
C GLY A 2 16.35 -8.86 4.02
N ILE A 3 16.57 -9.77 4.97
CA ILE A 3 17.06 -11.12 4.64
C ILE A 3 16.18 -12.21 5.23
N VAL A 4 16.22 -13.41 4.65
N VAL A 4 16.20 -13.39 4.59
CA VAL A 4 15.46 -14.53 5.19
CA VAL A 4 15.43 -14.54 5.05
C VAL A 4 16.20 -15.79 4.76
C VAL A 4 16.23 -15.81 4.73
N GLY A 5 16.15 -16.81 5.59
CA GLY A 5 16.82 -18.08 5.27
C GLY A 5 15.90 -19.12 5.84
N ILE A 6 15.61 -20.18 5.08
CA ILE A 6 14.74 -21.24 5.62
C ILE A 6 15.44 -22.59 5.39
N ALA A 7 15.61 -23.37 6.45
CA ALA A 7 16.22 -24.69 6.37
C ALA A 7 15.03 -25.59 6.68
N GLY A 8 14.35 -26.03 5.62
CA GLY A 8 13.16 -26.84 5.77
C GLY A 8 13.24 -28.33 5.47
N VAL A 9 12.08 -28.97 5.45
CA VAL A 9 11.96 -30.39 5.18
C VAL A 9 11.07 -30.58 3.97
N MET A 10 10.67 -29.47 3.37
CA MET A 10 9.84 -29.48 2.18
C MET A 10 10.18 -28.23 1.37
N PRO A 11 9.74 -28.15 0.12
CA PRO A 11 10.06 -26.98 -0.71
C PRO A 11 9.85 -25.66 -0.01
N VAL A 12 10.85 -24.79 -0.16
CA VAL A 12 10.86 -23.48 0.47
C VAL A 12 10.64 -22.29 -0.44
N ASN A 13 10.60 -22.51 -1.75
CA ASN A 13 10.44 -21.39 -2.65
C ASN A 13 9.29 -20.44 -2.37
N GLN A 14 8.08 -20.96 -2.18
CA GLN A 14 6.90 -20.12 -1.91
C GLN A 14 7.01 -19.44 -0.53
N SER A 15 7.53 -20.17 0.44
CA SER A 15 7.69 -19.66 1.79
C SER A 15 8.71 -18.48 1.85
N ILE A 16 9.82 -18.57 1.11
CA ILE A 16 10.85 -17.53 1.07
C ILE A 16 10.23 -16.32 0.40
N TYR A 17 9.49 -16.58 -0.69
CA TYR A 17 8.77 -15.54 -1.45
C TYR A 17 7.78 -14.81 -0.50
N ASP A 18 7.03 -15.58 0.28
CA ASP A 18 6.06 -15.04 1.21
C ASP A 18 6.73 -14.23 2.31
N ALA A 19 7.82 -14.78 2.85
CA ALA A 19 8.56 -14.10 3.91
C ALA A 19 9.08 -12.76 3.34
N LEU A 20 9.62 -12.77 2.12
CA LEU A 20 10.10 -11.53 1.55
C LEU A 20 8.99 -10.52 1.30
N THR A 21 7.77 -10.96 1.00
CA THR A 21 6.70 -10.00 0.77
C THR A 21 6.35 -9.27 2.08
N VAL A 22 6.50 -9.89 3.25
CA VAL A 22 6.22 -9.14 4.49
C VAL A 22 7.47 -8.37 4.99
N LEU A 23 8.59 -8.53 4.31
CA LEU A 23 9.79 -7.77 4.67
C LEU A 23 10.01 -6.78 3.53
N GLN A 24 9.01 -6.63 2.66
CA GLN A 24 9.16 -5.77 1.50
C GLN A 24 9.46 -4.30 1.83
N HIS A 25 8.99 -3.84 2.98
CA HIS A 25 9.25 -2.45 3.38
C HIS A 25 10.74 -2.21 3.65
N ARG A 26 11.52 -3.29 3.73
CA ARG A 26 12.94 -3.12 4.03
C ARG A 26 13.73 -2.82 2.78
N GLY A 27 13.09 -2.88 1.62
CA GLY A 27 13.78 -2.59 0.38
C GLY A 27 12.94 -2.98 -0.82
N GLN A 28 12.65 -2.04 -1.72
CA GLN A 28 11.84 -2.33 -2.90
C GLN A 28 12.58 -2.26 -4.22
N ASP A 29 13.87 -2.02 -4.18
CA ASP A 29 14.63 -1.89 -5.41
C ASP A 29 14.89 -3.21 -6.15
N ALA A 30 15.14 -4.30 -5.42
CA ALA A 30 15.46 -5.58 -6.05
C ALA A 30 15.19 -6.70 -5.07
N ALA A 31 15.08 -7.93 -5.57
CA ALA A 31 14.82 -9.07 -4.69
C ALA A 31 15.56 -10.25 -5.29
N GLY A 32 15.95 -11.18 -4.44
CA GLY A 32 16.67 -12.36 -4.92
C GLY A 32 16.37 -13.58 -4.05
N ILE A 33 16.21 -14.74 -4.68
CA ILE A 33 15.97 -15.96 -3.92
C ILE A 33 16.92 -17.03 -4.49
N ILE A 34 17.59 -17.79 -3.62
CA ILE A 34 18.49 -18.83 -4.08
C ILE A 34 18.22 -20.05 -3.23
N THR A 35 18.10 -21.22 -3.85
CA THR A 35 17.85 -22.46 -3.12
C THR A 35 18.92 -23.50 -3.47
N ILE A 36 19.00 -24.55 -2.69
CA ILE A 36 19.94 -25.62 -3.02
C ILE A 36 19.01 -26.76 -3.46
N ASP A 37 19.23 -27.24 -4.67
CA ASP A 37 18.34 -28.31 -5.14
C ASP A 37 18.73 -29.72 -4.73
N ALA A 38 17.93 -30.69 -5.18
CA ALA A 38 18.13 -32.11 -4.88
C ALA A 38 19.48 -32.63 -5.40
N ASN A 39 20.07 -31.91 -6.36
CA ASN A 39 21.36 -32.23 -6.94
C ASN A 39 22.50 -31.46 -6.28
N ASN A 40 22.22 -30.77 -5.19
CA ASN A 40 23.26 -29.99 -4.51
C ASN A 40 23.84 -28.92 -5.40
N CYS A 41 22.95 -28.22 -6.08
CA CYS A 41 23.31 -27.12 -6.97
C CYS A 41 22.42 -25.92 -6.57
N PHE A 42 22.93 -24.72 -6.75
CA PHE A 42 22.13 -23.53 -6.44
C PHE A 42 21.25 -23.23 -7.65
N ARG A 43 20.04 -22.74 -7.37
CA ARG A 43 19.07 -22.28 -8.39
C ARG A 43 18.80 -20.85 -7.86
N LEU A 44 18.97 -19.87 -8.74
CA LEU A 44 18.81 -18.48 -8.39
C LEU A 44 17.98 -17.64 -9.36
N ARG A 45 17.21 -16.71 -8.77
CA ARG A 45 16.46 -15.71 -9.51
C ARG A 45 16.59 -14.43 -8.69
N LYS A 46 17.16 -13.39 -9.28
CA LYS A 46 17.31 -12.08 -8.61
C LYS A 46 17.20 -11.06 -9.72
N ALA A 47 16.55 -9.94 -9.44
CA ALA A 47 16.36 -8.89 -10.43
C ALA A 47 15.81 -7.65 -9.73
N ASN A 48 15.80 -6.54 -10.45
CA ASN A 48 15.27 -5.28 -9.91
C ASN A 48 13.73 -5.41 -9.85
N GLY A 49 13.12 -4.72 -8.89
CA GLY A 49 11.68 -4.76 -8.75
C GLY A 49 11.21 -5.28 -7.41
N LEU A 50 9.91 -5.17 -7.20
CA LEU A 50 9.27 -5.67 -6.01
C LEU A 50 9.32 -7.19 -6.15
N VAL A 51 9.20 -7.89 -5.02
CA VAL A 51 9.20 -9.34 -4.97
C VAL A 51 8.10 -9.89 -5.91
N SER A 52 6.91 -9.29 -5.87
CA SER A 52 5.79 -9.77 -6.69
C SER A 52 6.02 -9.61 -8.18
N ASP A 53 6.97 -8.78 -8.56
CA ASP A 53 7.25 -8.60 -9.96
C ASP A 53 8.49 -9.38 -10.37
N VAL A 54 9.39 -9.63 -9.43
CA VAL A 54 10.65 -10.31 -9.74
C VAL A 54 10.45 -11.79 -9.99
N PHE A 55 9.59 -12.42 -9.20
CA PHE A 55 9.38 -13.87 -9.32
C PHE A 55 8.07 -14.28 -10.01
N GLU A 56 8.20 -14.77 -11.24
CA GLU A 56 7.06 -15.25 -12.03
C GLU A 56 6.99 -16.78 -11.86
N ALA A 57 5.91 -17.41 -12.31
CA ALA A 57 5.77 -18.87 -12.12
C ALA A 57 6.93 -19.66 -12.63
N ARG A 58 7.52 -19.26 -13.76
CA ARG A 58 8.64 -20.00 -14.31
C ARG A 58 9.89 -19.94 -13.47
N HIS A 59 10.12 -18.84 -12.78
CA HIS A 59 11.29 -18.74 -11.90
C HIS A 59 11.01 -19.59 -10.68
N MET A 60 9.78 -19.55 -10.18
CA MET A 60 9.43 -20.35 -8.99
C MET A 60 9.64 -21.85 -9.23
N GLN A 61 9.31 -22.28 -10.44
CA GLN A 61 9.48 -23.68 -10.84
C GLN A 61 10.96 -24.06 -10.78
N ARG A 62 11.86 -23.14 -11.12
CA ARG A 62 13.31 -23.39 -11.12
C ARG A 62 13.90 -23.42 -9.70
N LEU A 63 13.27 -22.70 -8.79
CA LEU A 63 13.75 -22.60 -7.42
C LEU A 63 13.39 -23.82 -6.58
N GLN A 64 13.97 -24.95 -6.96
CA GLN A 64 13.70 -26.20 -6.27
C GLN A 64 14.62 -26.42 -5.08
N GLY A 65 14.10 -27.12 -4.08
CA GLY A 65 14.90 -27.44 -2.91
C GLY A 65 14.21 -27.19 -1.60
N ASN A 66 14.77 -27.75 -0.52
CA ASN A 66 14.21 -27.60 0.81
C ASN A 66 14.98 -26.61 1.69
N MET A 67 15.94 -25.91 1.12
CA MET A 67 16.74 -24.93 1.86
C MET A 67 16.93 -23.74 0.93
N GLY A 68 16.82 -22.52 1.43
CA GLY A 68 17.05 -21.41 0.54
C GLY A 68 17.13 -20.11 1.32
N ILE A 69 17.63 -19.07 0.69
CA ILE A 69 17.72 -17.77 1.36
C ILE A 69 17.14 -16.73 0.41
N GLY A 70 16.69 -15.60 0.95
CA GLY A 70 16.15 -14.54 0.14
C GLY A 70 16.66 -13.18 0.60
N HIS A 71 16.56 -12.18 -0.27
CA HIS A 71 17.00 -10.81 0.04
C HIS A 71 16.17 -9.75 -0.68
N VAL A 72 15.85 -8.65 -0.01
CA VAL A 72 15.19 -7.53 -0.70
C VAL A 72 16.14 -6.40 -0.45
N ARG A 73 16.44 -5.66 -1.52
CA ARG A 73 17.38 -4.58 -1.46
C ARG A 73 16.82 -3.18 -1.40
N TYR A 74 17.47 -2.38 -0.56
CA TYR A 74 17.19 -0.96 -0.43
C TYR A 74 18.53 -0.38 -0.94
N PRO A 75 18.51 0.36 -2.05
CA PRO A 75 19.75 0.93 -2.60
C PRO A 75 20.58 1.71 -1.56
N THR A 76 21.90 1.51 -1.59
CA THR A 76 22.86 2.22 -0.69
C THR A 76 24.12 2.58 -1.50
N ALA A 77 25.02 3.36 -0.90
CA ALA A 77 26.25 3.75 -1.58
C ALA A 77 27.09 2.49 -1.84
N GLY A 78 27.42 2.29 -3.12
CA GLY A 78 28.18 1.11 -3.49
C GLY A 78 27.31 -0.02 -4.03
N SER A 79 26.02 -0.01 -3.67
CA SER A 79 25.08 -1.01 -4.16
C SER A 79 23.87 -0.25 -4.73
N SER A 80 24.13 0.46 -5.84
CA SER A 80 23.11 1.27 -6.50
C SER A 80 22.07 0.37 -7.13
N SER A 81 21.00 1.01 -7.57
CA SER A 81 19.89 0.34 -8.23
C SER A 81 20.31 -0.34 -9.55
N ALA A 82 21.38 0.17 -10.18
CA ALA A 82 21.83 -0.39 -11.44
C ALA A 82 22.75 -1.58 -11.26
N SER A 83 23.28 -1.74 -10.05
CA SER A 83 24.21 -2.83 -9.76
C SER A 83 23.59 -4.20 -9.45
N GLU A 84 24.43 -5.23 -9.55
CA GLU A 84 23.97 -6.59 -9.29
C GLU A 84 23.43 -6.71 -7.87
N ALA A 85 22.22 -7.27 -7.79
CA ALA A 85 21.48 -7.46 -6.54
C ALA A 85 22.04 -8.68 -5.80
N GLN A 86 21.49 -8.93 -4.61
CA GLN A 86 21.86 -10.06 -3.77
C GLN A 86 20.79 -11.13 -3.92
N PRO A 87 21.06 -12.37 -3.50
CA PRO A 87 22.29 -12.92 -2.91
C PRO A 87 23.44 -13.06 -3.90
N PHE A 88 24.66 -12.93 -3.41
N PHE A 88 24.66 -13.11 -3.40
CA PHE A 88 25.84 -13.09 -4.24
CA PHE A 88 25.82 -13.33 -4.24
C PHE A 88 26.25 -14.56 -4.11
C PHE A 88 26.28 -14.74 -3.88
N TYR A 89 27.11 -15.00 -5.02
N TYR A 89 26.89 -15.43 -4.83
CA TYR A 89 27.55 -16.38 -5.01
CA TYR A 89 27.40 -16.76 -4.55
C TYR A 89 29.02 -16.56 -5.43
C TYR A 89 28.71 -16.95 -5.28
N VAL A 90 29.68 -17.57 -4.86
N VAL A 90 29.58 -17.78 -4.71
CA VAL A 90 31.07 -17.93 -5.24
CA VAL A 90 30.84 -18.14 -5.32
C VAL A 90 31.08 -19.45 -5.42
C VAL A 90 30.88 -19.67 -5.28
N ASN A 91 31.94 -19.95 -6.31
N ASN A 91 31.37 -20.29 -6.34
CA ASN A 91 31.99 -21.39 -6.59
CA ASN A 91 31.42 -21.75 -6.42
C ASN A 91 33.06 -22.17 -5.82
C ASN A 91 32.62 -22.40 -5.71
N SER A 92 33.91 -21.46 -5.08
N SER A 92 33.35 -21.64 -4.88
CA SER A 92 34.95 -22.13 -4.30
CA SER A 92 34.50 -22.22 -4.17
C SER A 92 35.21 -21.33 -3.03
C SER A 92 35.00 -21.38 -3.01
N PRO A 93 35.39 -22.04 -1.89
CA PRO A 93 35.37 -23.51 -1.81
C PRO A 93 33.91 -24.01 -1.65
N TYR A 94 33.64 -25.22 -2.14
CA TYR A 94 32.33 -25.88 -2.02
C TYR A 94 31.09 -25.30 -2.68
N GLY A 95 30.98 -23.97 -2.75
CA GLY A 95 29.78 -23.36 -3.31
C GLY A 95 29.14 -22.65 -2.12
N ILE A 96 29.20 -21.31 -2.13
CA ILE A 96 28.66 -20.54 -1.00
C ILE A 96 27.86 -19.35 -1.50
N THR A 97 26.72 -19.09 -0.88
CA THR A 97 25.91 -17.95 -1.27
C THR A 97 25.64 -17.22 0.04
N LEU A 98 25.48 -15.90 -0.03
CA LEU A 98 25.26 -15.09 1.17
C LEU A 98 24.37 -13.86 0.89
N ALA A 99 23.51 -13.50 1.83
CA ALA A 99 22.68 -12.29 1.70
C ALA A 99 22.97 -11.49 2.97
N HIS A 100 23.02 -10.17 2.84
CA HIS A 100 23.39 -9.33 3.96
C HIS A 100 22.60 -8.02 4.08
N ASN A 101 22.28 -7.62 5.32
CA ASN A 101 21.66 -6.30 5.61
C ASN A 101 22.73 -5.61 6.49
N GLY A 102 23.34 -4.54 5.99
CA GLY A 102 24.36 -3.84 6.77
C GLY A 102 25.38 -3.14 5.90
N ASN A 103 26.57 -2.89 6.44
CA ASN A 103 27.63 -2.24 5.68
C ASN A 103 28.96 -2.45 6.39
N LEU A 104 29.99 -2.73 5.61
CA LEU A 104 31.30 -2.92 6.17
C LEU A 104 32.07 -1.62 6.05
N THR A 105 32.51 -1.10 7.18
CA THR A 105 33.27 0.14 7.17
C THR A 105 34.70 0.01 6.63
N ASN A 106 35.21 -1.21 6.50
CA ASN A 106 36.55 -1.37 5.93
C ASN A 106 36.53 -2.20 4.65
N ALA A 107 35.46 -2.06 3.89
CA ALA A 107 35.29 -2.79 2.65
C ALA A 107 36.43 -2.55 1.68
N HIS A 108 36.81 -1.29 1.46
CA HIS A 108 37.87 -0.98 0.50
C HIS A 108 39.17 -1.73 0.86
N GLU A 109 39.56 -1.73 2.13
CA GLU A 109 40.78 -2.41 2.49
C GLU A 109 40.67 -3.94 2.30
N LEU A 110 39.53 -4.49 2.66
CA LEU A 110 39.27 -5.95 2.51
C LEU A 110 39.40 -6.35 1.02
N ARG A 111 38.86 -5.50 0.16
CA ARG A 111 38.91 -5.76 -1.27
C ARG A 111 40.34 -5.81 -1.79
N LYS A 112 41.20 -4.94 -1.22
CA LYS A 112 42.60 -4.88 -1.57
C LYS A 112 43.29 -6.16 -1.13
N LYS A 113 43.03 -6.55 0.12
N LYS A 113 43.06 -6.55 0.12
CA LYS A 113 43.61 -7.75 0.70
CA LYS A 113 43.65 -7.78 0.66
C LYS A 113 43.15 -9.02 -0.04
C LYS A 113 43.17 -9.03 -0.06
N LEU A 114 41.89 -9.06 -0.45
CA LEU A 114 41.31 -10.20 -1.18
C LEU A 114 42.04 -10.34 -2.51
N PHE A 115 42.29 -9.22 -3.16
CA PHE A 115 42.98 -9.23 -4.42
C PHE A 115 44.47 -9.62 -4.25
N GLU A 116 45.17 -8.92 -3.36
CA GLU A 116 46.59 -9.16 -3.15
C GLU A 116 47.01 -10.46 -2.50
N GLU A 117 46.24 -10.93 -1.53
CA GLU A 117 46.56 -12.17 -0.84
C GLU A 117 45.88 -13.42 -1.39
N LYS A 118 44.68 -13.26 -1.96
CA LYS A 118 43.94 -14.43 -2.45
C LYS A 118 43.65 -14.45 -3.93
N ARG A 119 43.93 -13.35 -4.63
CA ARG A 119 43.63 -13.24 -6.06
C ARG A 119 42.12 -13.42 -6.31
N ARG A 120 41.30 -13.00 -5.34
CA ARG A 120 39.86 -13.06 -5.47
C ARG A 120 39.38 -11.72 -5.97
N HIS A 121 38.73 -11.74 -7.12
CA HIS A 121 38.19 -10.56 -7.77
C HIS A 121 36.79 -10.25 -7.27
N ILE A 122 36.55 -8.96 -7.04
CA ILE A 122 35.25 -8.49 -6.60
C ILE A 122 34.71 -7.78 -7.84
N ASN A 123 33.56 -8.24 -8.36
CA ASN A 123 33.00 -7.69 -9.59
C ASN A 123 32.06 -6.52 -9.46
N THR A 124 31.48 -6.30 -8.28
CA THR A 124 30.58 -5.18 -8.02
C THR A 124 31.29 -4.25 -7.00
N THR A 125 30.58 -3.28 -6.45
CA THR A 125 31.17 -2.42 -5.41
C THR A 125 30.37 -2.64 -4.13
N SER A 126 29.62 -3.75 -4.11
CA SER A 126 28.81 -4.15 -2.98
C SER A 126 29.66 -4.77 -1.89
N ASP A 127 29.50 -4.29 -0.67
CA ASP A 127 30.29 -4.82 0.45
C ASP A 127 29.84 -6.24 0.80
N SER A 128 28.66 -6.65 0.35
CA SER A 128 28.18 -8.00 0.61
C SER A 128 28.99 -9.03 -0.21
N GLU A 129 29.35 -8.67 -1.44
CA GLU A 129 30.19 -9.53 -2.26
C GLU A 129 31.54 -9.69 -1.55
N ILE A 130 32.03 -8.59 -1.00
CA ILE A 130 33.29 -8.64 -0.27
C ILE A 130 33.14 -9.52 0.98
N LEU A 131 32.05 -9.37 1.72
CA LEU A 131 31.81 -10.17 2.92
C LEU A 131 31.83 -11.68 2.56
N LEU A 132 31.08 -12.04 1.52
CA LEU A 132 31.04 -13.42 1.04
C LEU A 132 32.46 -13.91 0.68
N ASN A 133 33.28 -13.08 0.04
CA ASN A 133 34.62 -13.50 -0.31
C ASN A 133 35.57 -13.70 0.88
N ILE A 134 35.39 -12.92 1.93
CA ILE A 134 36.22 -13.06 3.13
C ILE A 134 35.84 -14.42 3.76
N PHE A 135 34.54 -14.65 3.94
CA PHE A 135 34.02 -15.89 4.52
C PHE A 135 34.53 -17.08 3.69
N ALA A 136 34.37 -17.02 2.38
CA ALA A 136 34.81 -18.10 1.50
C ALA A 136 36.33 -18.36 1.70
N SER A 137 37.08 -17.29 1.77
CA SER A 137 38.51 -17.36 1.93
C SER A 137 38.91 -18.06 3.23
N GLU A 138 38.13 -17.84 4.27
CA GLU A 138 38.36 -18.47 5.56
C GLU A 138 37.90 -19.93 5.53
N LEU A 139 36.81 -20.20 4.81
CA LEU A 139 36.35 -21.58 4.69
C LEU A 139 37.35 -22.39 3.86
N ASP A 140 38.16 -21.74 3.05
CA ASP A 140 39.12 -22.44 2.20
C ASP A 140 40.41 -22.92 2.90
N ASN A 141 40.45 -22.85 4.22
CA ASN A 141 41.65 -23.27 4.93
C ASN A 141 41.56 -24.70 5.43
N PHE A 142 40.53 -25.44 5.01
CA PHE A 142 40.34 -26.81 5.46
C PHE A 142 40.65 -27.91 4.42
N ARG A 143 41.25 -28.99 4.91
CA ARG A 143 41.67 -30.09 4.06
C ARG A 143 40.70 -31.26 4.13
N HIS A 144 40.22 -31.57 5.32
CA HIS A 144 39.29 -32.68 5.51
C HIS A 144 37.88 -32.33 4.97
N TYR A 145 37.11 -33.35 4.63
CA TYR A 145 35.77 -33.16 4.11
C TYR A 145 34.86 -34.17 4.78
N PRO A 146 33.64 -33.76 5.16
CA PRO A 146 33.14 -32.39 4.99
C PRO A 146 33.58 -31.55 6.18
N LEU A 147 33.22 -30.27 6.17
CA LEU A 147 33.55 -29.41 7.29
C LEU A 147 32.65 -29.76 8.49
N GLU A 148 33.19 -29.65 9.68
CA GLU A 148 32.47 -29.88 10.91
C GLU A 148 31.91 -28.50 11.31
N ALA A 149 30.95 -28.47 12.23
CA ALA A 149 30.39 -27.21 12.69
C ALA A 149 31.52 -26.33 13.29
N ASP A 150 32.49 -26.96 13.95
CA ASP A 150 33.63 -26.24 14.53
C ASP A 150 34.42 -25.46 13.49
N ASN A 151 34.59 -26.04 12.30
CA ASN A 151 35.34 -25.38 11.23
C ASN A 151 34.54 -24.21 10.68
N ILE A 152 33.24 -24.40 10.49
CA ILE A 152 32.39 -23.31 9.97
C ILE A 152 32.39 -22.13 10.98
N PHE A 153 32.26 -22.43 12.27
CA PHE A 153 32.26 -21.38 13.29
C PHE A 153 33.66 -20.71 13.36
N ALA A 154 34.73 -21.48 13.18
CA ALA A 154 36.08 -20.91 13.18
C ALA A 154 36.22 -19.94 12.01
N ALA A 155 35.64 -20.28 10.86
CA ALA A 155 35.74 -19.42 9.70
C ALA A 155 34.94 -18.14 9.97
N ILE A 156 33.77 -18.25 10.59
CA ILE A 156 33.00 -17.06 10.90
C ILE A 156 33.76 -16.21 11.95
N ALA A 157 34.34 -16.86 12.97
CA ALA A 157 35.09 -16.11 13.99
C ALA A 157 36.26 -15.34 13.34
N ALA A 158 36.94 -15.97 12.38
CA ALA A 158 38.07 -15.35 11.71
C ALA A 158 37.55 -14.20 10.84
N THR A 159 36.38 -14.41 10.23
CA THR A 159 35.77 -13.38 9.40
C THR A 159 35.46 -12.15 10.29
N ASN A 160 34.91 -12.41 11.47
CA ASN A 160 34.57 -11.35 12.43
C ASN A 160 35.78 -10.53 12.86
N ARG A 161 36.96 -11.14 12.84
N ARG A 161 36.96 -11.14 12.83
CA ARG A 161 38.19 -10.43 13.23
CA ARG A 161 38.20 -10.46 13.21
C ARG A 161 38.69 -9.58 12.11
C ARG A 161 38.76 -9.63 12.09
N LEU A 162 38.29 -9.89 10.89
CA LEU A 162 38.75 -9.16 9.73
C LEU A 162 37.87 -7.99 9.30
N ILE A 163 36.55 -8.21 9.33
CA ILE A 163 35.63 -7.19 8.86
C ILE A 163 35.14 -6.32 10.01
N ARG A 164 34.68 -5.12 9.65
CA ARG A 164 34.16 -4.16 10.61
C ARG A 164 32.92 -3.49 10.02
N GLY A 165 31.96 -3.18 10.89
CA GLY A 165 30.77 -2.50 10.43
C GLY A 165 29.56 -3.10 11.09
N ALA A 166 28.49 -3.26 10.33
CA ALA A 166 27.27 -3.81 10.89
C ALA A 166 26.81 -4.85 9.86
N TYR A 167 26.22 -5.95 10.32
CA TYR A 167 25.76 -6.99 9.40
C TYR A 167 24.95 -8.07 10.08
N ALA A 168 23.81 -8.37 9.48
CA ALA A 168 22.93 -9.49 9.81
C ALA A 168 23.13 -10.24 8.47
N CYS A 169 23.57 -11.49 8.55
CA CYS A 169 23.88 -12.26 7.35
C CYS A 169 23.25 -13.64 7.40
N VAL A 170 22.97 -14.17 6.21
CA VAL A 170 22.48 -15.53 6.10
C VAL A 170 23.19 -16.10 4.88
N ALA A 171 23.65 -17.33 5.01
CA ALA A 171 24.37 -17.93 3.91
C ALA A 171 24.11 -19.44 3.83
N MET A 172 24.50 -20.06 2.72
CA MET A 172 24.38 -21.51 2.59
C MET A 172 25.71 -22.01 2.00
N ILE A 173 26.14 -23.19 2.42
CA ILE A 173 27.37 -23.83 1.94
C ILE A 173 26.90 -25.20 1.38
N ILE A 174 27.08 -25.44 0.09
N ILE A 174 27.18 -25.46 0.10
CA ILE A 174 26.65 -26.70 -0.50
CA ILE A 174 26.80 -26.71 -0.57
C ILE A 174 27.29 -27.89 0.20
C ILE A 174 27.34 -27.92 0.20
N GLY A 175 26.47 -28.90 0.43
CA GLY A 175 26.90 -30.12 1.11
C GLY A 175 26.98 -29.94 2.61
N HIS A 176 26.63 -28.75 3.10
CA HIS A 176 26.72 -28.51 4.55
C HIS A 176 25.44 -28.01 5.18
N GLY A 177 25.02 -26.82 4.79
CA GLY A 177 23.81 -26.31 5.36
C GLY A 177 23.76 -24.79 5.33
N MET A 178 22.99 -24.26 6.28
CA MET A 178 22.72 -22.82 6.36
C MET A 178 23.37 -22.20 7.57
N VAL A 179 23.93 -21.00 7.42
CA VAL A 179 24.55 -20.32 8.54
C VAL A 179 23.95 -18.92 8.60
N ALA A 180 23.78 -18.41 9.80
CA ALA A 180 23.27 -17.05 9.98
C ALA A 180 24.17 -16.45 11.07
N PHE A 181 24.57 -15.21 10.92
CA PHE A 181 25.41 -14.61 11.96
C PHE A 181 25.17 -13.09 12.01
N ARG A 182 25.43 -12.51 13.18
CA ARG A 182 25.18 -11.08 13.43
C ARG A 182 26.48 -10.37 13.87
N ASP A 183 26.64 -9.08 13.51
CA ASP A 183 27.84 -8.33 13.90
C ASP A 183 28.02 -8.33 15.42
N PRO A 184 29.24 -8.11 15.89
CA PRO A 184 29.54 -8.10 17.32
C PRO A 184 28.92 -6.98 18.19
N ASN A 185 28.25 -6.03 17.55
CA ASN A 185 27.56 -4.97 18.27
C ASN A 185 26.08 -5.13 18.20
N GLY A 186 25.61 -6.22 17.57
CA GLY A 186 24.17 -6.42 17.48
C GLY A 186 23.42 -5.25 16.86
N ILE A 187 24.01 -4.62 15.87
CA ILE A 187 23.41 -3.44 15.22
C ILE A 187 22.22 -3.73 14.28
N ARG A 188 22.43 -4.63 13.30
CA ARG A 188 21.39 -5.01 12.33
C ARG A 188 20.55 -6.14 12.93
N PRO A 189 19.22 -6.10 12.70
CA PRO A 189 18.29 -7.08 13.23
C PRO A 189 18.32 -8.49 12.60
N LEU A 190 18.11 -9.51 13.44
CA LEU A 190 18.10 -10.93 13.00
C LEU A 190 17.51 -11.82 14.09
N VAL A 191 16.38 -12.47 13.80
CA VAL A 191 15.73 -13.38 14.73
C VAL A 191 15.76 -14.84 14.21
N LEU A 192 15.57 -15.76 15.12
CA LEU A 192 15.55 -17.18 14.77
C LEU A 192 14.18 -17.76 15.16
N GLY A 193 13.61 -18.62 14.30
CA GLY A 193 12.34 -19.28 14.58
C GLY A 193 12.38 -20.75 14.15
N LYS A 194 11.35 -21.52 14.51
CA LYS A 194 11.28 -22.93 14.13
C LYS A 194 9.86 -23.37 13.83
N ARG A 195 9.73 -24.46 13.08
CA ARG A 195 8.40 -24.97 12.78
C ARG A 195 8.48 -26.48 12.86
N ASP A 196 7.76 -27.00 13.83
CA ASP A 196 7.71 -28.43 14.06
C ASP A 196 6.77 -29.08 13.05
N ILE A 197 7.29 -29.98 12.23
CA ILE A 197 6.47 -30.65 11.22
C ILE A 197 5.90 -31.95 11.80
N ASP A 198 6.72 -32.67 12.53
CA ASP A 198 6.28 -33.87 13.20
C ASP A 198 7.27 -34.14 14.32
N GLU A 199 7.14 -35.31 14.93
CA GLU A 199 7.98 -35.76 16.07
C GLU A 199 9.47 -35.70 15.77
N ASN A 200 9.83 -35.98 14.53
CA ASN A 200 11.24 -35.98 14.16
C ASN A 200 11.69 -34.89 13.22
N ARG A 201 10.77 -34.07 12.73
CA ARG A 201 11.19 -33.05 11.80
C ARG A 201 10.87 -31.63 12.26
N THR A 202 11.91 -30.80 12.28
CA THR A 202 11.77 -29.39 12.67
C THR A 202 12.51 -28.52 11.67
N GLU A 203 11.80 -27.55 11.11
CA GLU A 203 12.37 -26.62 10.18
C GLU A 203 12.84 -25.37 10.96
N TYR A 204 13.85 -24.70 10.44
CA TYR A 204 14.35 -23.51 11.06
C TYR A 204 14.37 -22.36 10.07
N MET A 205 14.23 -21.15 10.61
CA MET A 205 14.33 -19.99 9.75
C MET A 205 14.90 -18.78 10.51
N VAL A 206 15.54 -17.90 9.76
CA VAL A 206 16.10 -16.67 10.32
C VAL A 206 15.57 -15.57 9.41
N ALA A 207 15.26 -14.41 9.98
CA ALA A 207 14.77 -13.28 9.18
C ALA A 207 15.16 -11.94 9.84
N SER A 208 15.18 -10.85 9.07
CA SER A 208 15.49 -9.53 9.64
C SER A 208 14.46 -9.18 10.70
N GLU A 209 13.20 -9.53 10.46
CA GLU A 209 12.13 -9.20 11.40
C GLU A 209 11.24 -10.41 11.67
N SER A 210 10.73 -10.47 12.90
CA SER A 210 9.87 -11.53 13.36
C SER A 210 8.56 -11.69 12.57
N VAL A 211 8.10 -10.63 11.89
N VAL A 211 8.12 -10.63 11.87
CA VAL A 211 6.87 -10.72 11.10
CA VAL A 211 6.89 -10.70 11.09
C VAL A 211 7.00 -11.79 10.01
C VAL A 211 7.01 -11.79 10.00
N ALA A 212 8.23 -12.04 9.54
CA ALA A 212 8.45 -13.07 8.51
C ALA A 212 8.20 -14.47 9.12
N LEU A 213 8.52 -14.65 10.41
CA LEU A 213 8.26 -15.92 11.11
C LEU A 213 6.75 -16.05 11.33
N ASP A 214 6.10 -14.94 11.72
CA ASP A 214 4.65 -14.94 11.99
C ASP A 214 3.84 -15.35 10.77
N THR A 215 4.12 -14.72 9.64
CA THR A 215 3.36 -14.96 8.44
C THR A 215 3.44 -16.42 7.94
N LEU A 216 4.51 -17.12 8.32
CA LEU A 216 4.69 -18.50 7.88
C LEU A 216 4.31 -19.52 8.95
N GLY A 217 3.91 -19.04 10.13
CA GLY A 217 3.54 -19.98 11.19
C GLY A 217 4.75 -20.57 11.91
N PHE A 218 5.88 -19.87 11.87
CA PHE A 218 7.04 -20.35 12.58
C PHE A 218 6.97 -19.78 13.97
N ASP A 219 7.42 -20.56 14.95
CA ASP A 219 7.42 -20.09 16.32
C ASP A 219 8.71 -19.31 16.50
N PHE A 220 8.58 -18.17 17.16
CA PHE A 220 9.73 -17.32 17.47
C PHE A 220 10.56 -18.01 18.55
N LEU A 221 11.86 -18.06 18.36
CA LEU A 221 12.72 -18.66 19.36
C LEU A 221 13.45 -17.53 20.10
N ARG A 222 14.20 -16.72 19.38
CA ARG A 222 14.94 -15.60 19.99
C ARG A 222 15.68 -14.80 18.94
N ASP A 223 16.21 -13.64 19.32
CA ASP A 223 17.02 -12.86 18.41
C ASP A 223 18.32 -13.65 18.38
N VAL A 224 19.06 -13.54 17.28
CA VAL A 224 20.38 -14.17 17.19
C VAL A 224 21.22 -13.16 17.99
N ALA A 225 22.05 -13.63 18.93
CA ALA A 225 22.84 -12.71 19.76
C ALA A 225 23.95 -11.99 19.01
N PRO A 226 24.38 -10.81 19.51
CA PRO A 226 25.46 -10.07 18.87
C PRO A 226 26.66 -11.02 18.80
N GLY A 227 27.31 -11.12 17.66
CA GLY A 227 28.47 -12.00 17.51
C GLY A 227 28.16 -13.49 17.34
N GLU A 228 26.91 -13.87 17.55
CA GLU A 228 26.56 -15.28 17.44
C GLU A 228 26.37 -15.79 16.03
N ALA A 229 26.63 -17.09 15.83
CA ALA A 229 26.38 -17.70 14.55
C ALA A 229 25.48 -18.94 14.81
N ILE A 230 24.63 -19.24 13.82
CA ILE A 230 23.71 -20.36 13.89
C ILE A 230 24.03 -21.18 12.65
N TYR A 231 24.10 -22.49 12.81
CA TYR A 231 24.37 -23.37 11.68
C TYR A 231 23.37 -24.52 11.75
N ILE A 232 22.61 -24.70 10.67
CA ILE A 232 21.62 -25.77 10.56
C ILE A 232 22.08 -26.66 9.42
N THR A 233 22.28 -27.93 9.69
CA THR A 233 22.75 -28.83 8.62
C THR A 233 21.60 -29.20 7.67
N GLU A 234 22.06 -29.76 6.61
CA GLU A 234 21.14 -30.22 5.60
C GLU A 234 20.10 -31.01 5.90
N GLU A 235 20.57 -31.88 7.22
N GLU A 235 20.51 -31.91 7.21
CA GLU A 235 19.92 -32.91 7.98
CA GLU A 235 19.76 -32.95 7.96
C GLU A 235 19.00 -32.35 9.07
C GLU A 235 18.90 -32.35 9.05
N GLY A 236 18.99 -31.04 9.23
CA GLY A 236 18.15 -30.40 10.26
C GLY A 236 18.72 -30.33 11.66
N GLN A 237 20.03 -30.45 11.82
CA GLN A 237 20.62 -30.34 13.14
C GLN A 237 21.05 -28.88 13.37
N LEU A 238 20.62 -28.28 14.47
CA LEU A 238 20.95 -26.89 14.83
C LEU A 238 22.17 -26.73 15.75
N PHE A 239 23.12 -25.88 15.40
CA PHE A 239 24.27 -25.60 16.27
C PHE A 239 24.29 -24.10 16.38
N THR A 240 24.80 -23.58 17.50
CA THR A 240 24.95 -22.15 17.71
C THR A 240 26.31 -21.94 18.38
N ARG A 241 26.93 -20.80 18.15
CA ARG A 241 28.25 -20.55 18.74
C ARG A 241 28.50 -19.02 18.74
N GLN A 242 29.10 -18.51 19.83
CA GLN A 242 29.47 -17.09 19.95
C GLN A 242 30.75 -17.00 19.13
N CYS A 243 30.77 -16.17 18.10
CA CYS A 243 31.94 -16.08 17.22
C CYS A 243 32.64 -14.72 17.21
N ALA A 244 32.47 -13.95 18.28
CA ALA A 244 33.10 -12.63 18.36
C ALA A 244 33.60 -12.43 19.80
N ASP A 245 34.59 -11.56 19.97
CA ASP A 245 35.13 -11.23 21.29
C ASP A 245 34.35 -10.04 21.81
N ASN A 246 34.12 -10.01 23.11
CA ASN A 246 33.42 -8.89 23.72
C ASN A 246 32.13 -8.49 22.96
N PRO A 247 31.21 -9.45 22.70
CA PRO A 247 29.98 -9.06 21.99
C PRO A 247 29.12 -8.16 22.89
N VAL A 248 28.34 -7.27 22.28
CA VAL A 248 27.48 -6.40 23.08
C VAL A 248 26.26 -6.01 22.25
N SER A 249 25.16 -5.72 22.90
N SER A 249 25.14 -5.73 22.92
CA SER A 249 23.94 -5.32 22.18
CA SER A 249 23.93 -5.31 22.22
C SER A 249 23.80 -3.80 22.01
C SER A 249 23.87 -3.78 22.03
N ASN A 250 23.99 -3.33 20.78
CA ASN A 250 23.86 -1.91 20.46
C ASN A 250 22.83 -1.86 19.28
N PRO A 251 21.56 -2.27 19.52
CA PRO A 251 20.63 -2.23 18.37
C PRO A 251 20.48 -0.86 17.72
N CYS A 252 20.30 -0.85 16.39
CA CYS A 252 20.09 0.36 15.60
C CYS A 252 18.79 0.99 16.12
N LEU A 253 18.89 2.21 16.65
CA LEU A 253 17.75 2.92 17.21
C LEU A 253 16.78 3.38 16.09
N PHE A 254 17.34 3.60 14.91
CA PHE A 254 16.59 4.00 13.74
C PHE A 254 15.56 2.99 13.24
N GLU A 255 15.81 1.69 13.45
CA GLU A 255 14.84 0.65 13.05
C GLU A 255 13.51 0.92 13.77
N TYR A 256 13.61 1.25 15.06
CA TYR A 256 12.45 1.52 15.87
C TYR A 256 11.66 2.77 15.44
N VAL A 257 12.34 3.83 14.97
CA VAL A 257 11.68 5.08 14.57
C VAL A 257 10.73 4.88 13.38
N TYR A 258 11.23 4.34 12.27
CA TYR A 258 10.30 4.09 11.17
C TYR A 258 10.66 2.94 10.22
N PHE A 259 11.87 2.42 10.32
CA PHE A 259 12.28 1.39 9.37
C PHE A 259 11.58 0.03 9.46
N ALA A 260 11.48 -0.50 10.67
CA ALA A 260 10.87 -1.80 10.89
C ALA A 260 9.35 -1.74 10.97
N ARG A 261 8.72 -2.91 10.83
CA ARG A 261 7.27 -2.99 10.91
C ARG A 261 6.88 -2.88 12.39
N PRO A 262 5.71 -2.28 12.69
CA PRO A 262 5.30 -2.13 14.09
C PRO A 262 5.02 -3.43 14.82
N ASP A 263 4.69 -4.46 14.06
CA ASP A 263 4.35 -5.73 14.65
C ASP A 263 5.52 -6.65 14.91
N SER A 264 6.72 -6.16 14.62
CA SER A 264 7.93 -6.94 14.89
C SER A 264 8.40 -6.69 16.31
N PHE A 265 9.15 -7.65 16.85
CA PHE A 265 9.75 -7.59 18.17
C PHE A 265 11.23 -7.74 17.91
N ILE A 266 11.99 -6.66 18.07
CA ILE A 266 13.42 -6.66 17.79
C ILE A 266 14.16 -6.47 19.10
N ASP A 267 15.00 -7.45 19.44
CA ASP A 267 15.72 -7.46 20.72
C ASP A 267 14.78 -7.21 21.91
N LYS A 268 13.74 -8.02 21.89
CA LYS A 268 12.70 -8.05 22.91
C LYS A 268 11.85 -6.79 23.05
N ILE A 269 11.93 -5.89 22.08
CA ILE A 269 11.17 -4.64 22.13
C ILE A 269 10.12 -4.60 21.04
N SER A 270 8.87 -4.37 21.41
CA SER A 270 7.80 -4.24 20.43
C SER A 270 7.99 -2.91 19.73
N VAL A 271 8.16 -2.93 18.41
CA VAL A 271 8.36 -1.71 17.66
C VAL A 271 7.14 -0.80 17.85
N TYR A 272 5.95 -1.40 17.82
CA TYR A 272 4.73 -0.63 18.02
C TYR A 272 4.71 0.05 19.40
N SER A 273 5.00 -0.71 20.44
CA SER A 273 4.98 -0.12 21.76
C SER A 273 6.05 0.93 21.90
N ALA A 274 7.19 0.75 21.27
CA ALA A 274 8.25 1.75 21.36
C ALA A 274 7.76 3.02 20.66
N ARG A 275 7.05 2.90 19.54
CA ARG A 275 6.54 4.07 18.85
C ARG A 275 5.48 4.85 19.65
N VAL A 276 4.63 4.13 20.36
CA VAL A 276 3.62 4.79 21.20
C VAL A 276 4.38 5.58 22.28
N ASN A 277 5.41 4.96 22.85
CA ASN A 277 6.24 5.57 23.88
C ASN A 277 6.90 6.83 23.38
N MET A 278 7.27 6.83 22.10
CA MET A 278 7.89 8.01 21.48
C MET A 278 6.85 9.15 21.48
N GLY A 279 5.61 8.83 21.14
CA GLY A 279 4.56 9.82 21.17
C GLY A 279 4.35 10.31 22.60
N THR A 280 4.43 9.43 23.59
CA THR A 280 4.27 9.84 24.98
C THR A 280 5.36 10.88 25.36
N LYS A 281 6.61 10.55 25.08
CA LYS A 281 7.72 11.44 25.37
C LYS A 281 7.60 12.76 24.62
N LEU A 282 7.28 12.69 23.33
CA LEU A 282 7.16 13.90 22.54
C LEU A 282 5.98 14.77 23.02
N GLY A 283 4.88 14.15 23.39
CA GLY A 283 3.71 14.85 23.91
C GLY A 283 4.09 15.59 25.19
N GLU A 284 4.76 14.89 26.09
CA GLU A 284 5.23 15.49 27.33
C GLU A 284 6.18 16.69 27.05
N LYS A 285 7.09 16.53 26.09
CA LYS A 285 7.98 17.63 25.74
C LYS A 285 7.19 18.83 25.17
N ILE A 286 6.24 18.58 24.28
CA ILE A 286 5.42 19.64 23.70
C ILE A 286 4.54 20.31 24.77
N ALA A 287 3.92 19.53 25.64
CA ALA A 287 3.12 20.12 26.71
C ALA A 287 3.94 21.03 27.66
N ARG A 288 5.24 20.79 27.73
CA ARG A 288 6.13 21.55 28.60
C ARG A 288 6.70 22.77 27.86
N GLU A 289 7.22 22.59 26.66
CA GLU A 289 7.82 23.69 25.92
C GLU A 289 6.88 24.58 25.14
N TRP A 290 5.72 24.04 24.77
CA TRP A 290 4.77 24.80 23.98
C TRP A 290 3.50 25.06 24.76
N GLU A 291 3.64 25.16 26.08
N GLU A 291 3.68 25.20 26.07
CA GLU A 291 2.48 25.37 26.96
CA GLU A 291 2.59 25.45 27.02
C GLU A 291 1.53 26.49 26.51
C GLU A 291 1.57 26.49 26.54
N ASP A 292 2.08 27.64 26.11
CA ASP A 292 1.23 28.74 25.71
C ASP A 292 0.71 28.77 24.28
N LEU A 293 1.09 27.81 23.45
CA LEU A 293 0.65 27.86 22.05
C LEU A 293 -0.79 27.49 21.86
N ASP A 294 -1.40 28.08 20.85
CA ASP A 294 -2.76 27.75 20.53
C ASP A 294 -2.66 26.66 19.47
N ILE A 295 -3.11 25.46 19.78
N ILE A 295 -3.11 25.47 19.83
CA ILE A 295 -3.08 24.35 18.83
CA ILE A 295 -3.10 24.31 18.94
C ILE A 295 -4.49 23.79 18.84
C ILE A 295 -4.54 23.84 18.87
N ASP A 296 -5.10 23.71 17.67
CA ASP A 296 -6.47 23.22 17.54
C ASP A 296 -6.62 21.72 17.28
N VAL A 297 -5.60 21.14 16.63
CA VAL A 297 -5.68 19.72 16.25
C VAL A 297 -4.29 19.18 15.97
N VAL A 298 -4.12 17.87 16.19
CA VAL A 298 -2.87 17.18 15.93
C VAL A 298 -3.15 16.29 14.69
N ILE A 299 -2.35 16.48 13.64
CA ILE A 299 -2.51 15.74 12.37
C ILE A 299 -1.22 14.98 12.03
N PRO A 300 -1.31 13.64 11.99
CA PRO A 300 -0.10 12.89 11.65
C PRO A 300 0.20 12.95 10.16
N ILE A 301 1.48 12.84 9.81
CA ILE A 301 1.89 12.76 8.41
C ILE A 301 2.07 11.22 8.26
N PRO A 302 1.18 10.57 7.49
CA PRO A 302 1.19 9.12 7.27
C PRO A 302 2.50 8.59 6.74
N GLU A 303 2.81 7.32 7.08
CA GLU A 303 1.91 6.46 7.88
C GLU A 303 2.44 6.02 9.25
N THR A 304 3.76 6.01 9.42
N THR A 304 3.76 6.03 9.41
CA THR A 304 4.34 5.59 10.69
CA THR A 304 4.39 5.63 10.66
C THR A 304 3.90 6.45 11.87
C THR A 304 3.89 6.45 11.85
N SER A 305 3.71 7.75 11.63
CA SER A 305 3.29 8.68 12.67
C SER A 305 1.87 8.70 13.19
N CYS A 306 0.93 8.02 12.52
CA CYS A 306 -0.45 8.02 12.97
C CYS A 306 -0.62 7.64 14.45
N ASP A 307 0.07 6.59 14.89
CA ASP A 307 -0.04 6.20 16.30
C ASP A 307 0.72 7.12 17.24
N ILE A 308 1.88 7.60 16.78
CA ILE A 308 2.71 8.49 17.57
C ILE A 308 1.90 9.76 17.81
N ALA A 309 1.28 10.25 16.74
CA ALA A 309 0.48 11.46 16.80
C ALA A 309 -0.75 11.24 17.66
N LEU A 310 -1.29 10.02 17.64
CA LEU A 310 -2.46 9.74 18.44
C LEU A 310 -2.12 9.90 19.91
N GLU A 311 -0.97 9.38 20.29
CA GLU A 311 -0.51 9.47 21.69
C GLU A 311 -0.22 10.93 22.08
N ILE A 312 0.36 11.71 21.16
CA ILE A 312 0.63 13.11 21.41
C ILE A 312 -0.70 13.84 21.69
N ALA A 313 -1.69 13.67 20.81
CA ALA A 313 -2.99 14.31 20.97
C ALA A 313 -3.59 13.90 22.30
N ARG A 314 -3.41 12.64 22.68
CA ARG A 314 -3.93 12.16 23.97
C ARG A 314 -3.26 12.90 25.12
N ILE A 315 -1.94 12.93 25.11
CA ILE A 315 -1.17 13.60 26.15
C ILE A 315 -1.56 15.10 26.19
N LEU A 316 -1.72 15.73 25.03
CA LEU A 316 -2.08 17.15 24.97
C LEU A 316 -3.58 17.46 25.18
N GLY A 317 -4.45 16.45 25.22
CA GLY A 317 -5.88 16.75 25.38
C GLY A 317 -6.42 17.56 24.19
N LYS A 318 -5.93 17.25 22.99
CA LYS A 318 -6.34 17.90 21.77
C LYS A 318 -6.90 16.84 20.83
N PRO A 319 -7.78 17.23 19.89
CA PRO A 319 -8.33 16.23 18.99
C PRO A 319 -7.28 15.77 17.95
N TYR A 320 -7.38 14.49 17.58
CA TYR A 320 -6.51 13.90 16.57
C TYR A 320 -7.42 13.82 15.35
N ARG A 321 -6.94 14.29 14.20
CA ARG A 321 -7.72 14.21 12.97
C ARG A 321 -6.86 13.79 11.76
N GLN A 322 -7.47 13.03 10.83
CA GLN A 322 -6.81 12.59 9.63
C GLN A 322 -6.81 13.75 8.64
N GLY A 323 -5.81 14.61 8.69
CA GLY A 323 -5.77 15.75 7.79
C GLY A 323 -5.08 15.40 6.49
N PHE A 324 -4.22 14.39 6.53
CA PHE A 324 -3.50 13.92 5.36
C PHE A 324 -3.77 12.44 5.07
N VAL A 325 -3.97 12.13 3.79
CA VAL A 325 -4.24 10.76 3.36
C VAL A 325 -3.16 10.34 2.40
N LYS A 326 -2.46 9.29 2.75
CA LYS A 326 -1.38 8.80 1.90
C LYS A 326 -1.95 8.06 0.68
N ASN A 327 -1.48 8.44 -0.52
CA ASN A 327 -1.91 7.80 -1.75
C ASN A 327 -1.23 6.44 -1.79
N ARG A 328 -1.97 5.36 -1.59
CA ARG A 328 -1.33 4.03 -1.60
C ARG A 328 -0.68 3.69 -2.94
N TYR A 329 -1.18 4.29 -4.01
CA TYR A 329 -0.61 4.00 -5.30
C TYR A 329 0.04 5.23 -5.84
N VAL A 330 1.32 5.11 -6.15
CA VAL A 330 2.01 6.27 -6.69
C VAL A 330 2.48 5.81 -8.05
N GLY A 331 2.48 6.73 -9.01
CA GLY A 331 2.91 6.37 -10.33
C GLY A 331 4.17 7.16 -10.66
N ARG A 332 4.70 6.94 -11.85
CA ARG A 332 5.89 7.66 -12.26
C ARG A 332 5.55 8.88 -13.09
N THR A 333 6.57 9.69 -13.37
CA THR A 333 6.44 10.89 -14.16
C THR A 333 7.15 10.57 -15.47
N PHE A 334 6.52 10.87 -16.60
CA PHE A 334 7.11 10.55 -17.89
C PHE A 334 7.75 11.74 -18.60
N ILE A 335 8.90 11.46 -19.21
CA ILE A 335 9.67 12.44 -19.99
C ILE A 335 9.14 12.34 -21.41
N MET A 336 8.17 13.18 -21.74
CA MET A 336 7.55 13.15 -23.07
C MET A 336 8.09 14.25 -24.00
N PRO A 337 7.99 14.03 -25.34
CA PRO A 337 8.46 15.02 -26.34
C PRO A 337 7.56 16.26 -26.40
N GLY A 338 8.20 17.43 -26.36
CA GLY A 338 7.48 18.70 -26.42
C GLY A 338 6.92 19.21 -25.09
N GLN A 339 6.31 18.30 -24.35
CA GLN A 339 5.70 18.63 -23.06
C GLN A 339 6.74 19.06 -22.03
N GLN A 340 6.44 20.13 -21.31
CA GLN A 340 7.33 20.61 -20.26
C GLN A 340 7.17 19.63 -19.10
N LEU A 341 8.29 19.10 -18.62
CA LEU A 341 8.28 18.18 -17.49
C LEU A 341 8.19 19.04 -16.23
N ARG A 342 6.99 19.10 -15.65
CA ARG A 342 6.76 19.90 -14.46
C ARG A 342 7.03 19.18 -13.15
N ARG A 343 7.04 20.00 -12.11
CA ARG A 343 7.28 19.66 -10.69
C ARG A 343 7.34 18.24 -10.11
N LYS A 344 8.26 18.10 -9.16
CA LYS A 344 8.46 16.87 -8.38
C LYS A 344 7.57 17.14 -7.14
N SER A 345 6.56 16.30 -6.91
CA SER A 345 5.65 16.58 -5.81
C SER A 345 5.40 15.56 -4.71
N VAL A 346 4.94 16.10 -3.60
CA VAL A 346 4.55 15.34 -2.43
C VAL A 346 3.05 15.15 -2.60
N ARG A 347 2.46 15.95 -3.48
CA ARG A 347 1.03 15.85 -3.76
C ARG A 347 0.76 14.50 -4.45
N ARG A 348 1.81 13.92 -5.04
CA ARG A 348 1.73 12.62 -5.69
C ARG A 348 1.68 11.55 -4.61
N LYS A 349 2.26 11.82 -3.46
CA LYS A 349 2.26 10.81 -2.41
C LYS A 349 1.26 11.12 -1.31
N LEU A 350 0.72 12.34 -1.31
CA LEU A 350 -0.15 12.77 -0.20
C LEU A 350 -1.27 13.72 -0.58
N ASN A 351 -2.42 13.59 0.05
CA ASN A 351 -3.52 14.51 -0.23
C ASN A 351 -4.01 15.15 1.06
N ALA A 352 -4.32 16.44 1.00
CA ALA A 352 -4.82 17.15 2.17
C ALA A 352 -6.33 17.18 2.20
N ASN A 353 -6.91 16.76 3.32
CA ASN A 353 -8.35 16.82 3.51
C ASN A 353 -8.56 18.31 3.87
N ARG A 354 -9.02 19.08 2.89
CA ARG A 354 -9.23 20.51 2.99
C ARG A 354 -9.93 20.99 4.29
N ALA A 355 -11.08 20.38 4.56
CA ALA A 355 -11.90 20.70 5.73
C ALA A 355 -11.18 20.57 7.09
N GLU A 356 -10.12 19.77 7.15
CA GLU A 356 -9.42 19.56 8.41
C GLU A 356 -8.33 20.60 8.80
N PHE A 357 -8.01 21.50 7.88
CA PHE A 357 -6.99 22.52 8.12
C PHE A 357 -7.57 23.93 8.23
N ARG A 358 -8.72 24.16 7.60
CA ARG A 358 -9.36 25.48 7.53
C ARG A 358 -9.50 26.26 8.83
N ASP A 359 -8.83 27.42 8.85
CA ASP A 359 -8.83 28.33 10.00
C ASP A 359 -8.43 27.65 11.31
N LYS A 360 -7.45 26.77 11.24
CA LYS A 360 -6.97 26.09 12.44
C LYS A 360 -5.45 26.23 12.57
N ASN A 361 -4.97 26.17 13.80
CA ASN A 361 -3.53 26.19 14.10
C ASN A 361 -3.31 24.70 14.21
N VAL A 362 -2.53 24.12 13.31
CA VAL A 362 -2.38 22.66 13.32
C VAL A 362 -0.98 22.22 13.77
N LEU A 363 -0.94 21.10 14.48
CA LEU A 363 0.35 20.53 14.88
C LEU A 363 0.48 19.24 14.07
N LEU A 364 1.38 19.25 13.10
CA LEU A 364 1.67 18.10 12.25
C LEU A 364 2.75 17.24 12.96
N VAL A 365 2.64 15.91 12.85
CA VAL A 365 3.61 15.01 13.46
C VAL A 365 4.21 14.12 12.37
N ASP A 366 5.54 14.13 12.24
CA ASP A 366 6.22 13.28 11.28
C ASP A 366 7.20 12.40 12.06
N ASP A 367 7.62 11.28 11.46
CA ASP A 367 8.53 10.38 12.16
C ASP A 367 9.94 10.94 12.26
N SER A 368 10.37 11.70 11.25
CA SER A 368 11.72 12.28 11.25
C SER A 368 11.84 13.29 10.13
N ILE A 369 12.97 13.99 10.09
CA ILE A 369 13.25 14.98 9.07
C ILE A 369 14.67 14.69 8.58
N VAL A 370 14.81 14.50 7.29
CA VAL A 370 16.10 14.19 6.71
C VAL A 370 16.58 15.35 5.87
N ARG A 371 16.10 15.43 4.63
N ARG A 371 16.09 15.43 4.62
CA ARG A 371 16.49 16.53 3.73
CA ARG A 371 16.49 16.53 3.75
C ARG A 371 15.64 17.77 4.01
C ARG A 371 15.65 17.76 4.03
N GLY A 372 14.44 17.54 4.56
CA GLY A 372 13.55 18.64 4.88
C GLY A 372 12.70 19.06 3.72
N THR A 373 12.88 18.44 2.56
CA THR A 373 12.13 18.79 1.35
C THR A 373 10.66 18.48 1.46
N THR A 374 10.33 17.26 1.89
CA THR A 374 8.93 16.90 2.00
C THR A 374 8.20 17.74 3.05
N SER A 375 8.79 17.92 4.22
N SER A 375 8.82 17.92 4.20
CA SER A 375 8.15 18.71 5.28
CA SER A 375 8.28 18.69 5.31
C SER A 375 7.83 20.12 4.79
C SER A 375 7.88 20.11 4.84
N GLU A 376 8.73 20.68 3.99
CA GLU A 376 8.54 22.01 3.44
C GLU A 376 7.25 22.08 2.62
N GLN A 377 7.11 21.12 1.72
CA GLN A 377 5.96 21.06 0.85
C GLN A 377 4.68 20.70 1.62
N ILE A 378 4.80 19.85 2.61
CA ILE A 378 3.66 19.44 3.41
C ILE A 378 3.11 20.64 4.18
N ILE A 379 4.00 21.44 4.75
CA ILE A 379 3.60 22.63 5.50
C ILE A 379 2.85 23.58 4.57
N GLU A 380 3.37 23.72 3.35
CA GLU A 380 2.78 24.56 2.31
C GLU A 380 1.36 24.03 1.98
N MET A 381 1.21 22.71 1.90
CA MET A 381 -0.09 22.12 1.61
C MET A 381 -1.04 22.44 2.73
N ALA A 382 -0.57 22.38 3.96
CA ALA A 382 -1.43 22.68 5.12
C ALA A 382 -1.92 24.14 5.01
N ARG A 383 -1.04 25.02 4.57
CA ARG A 383 -1.39 26.43 4.40
C ARG A 383 -2.39 26.60 3.26
N GLU A 384 -2.15 25.94 2.13
CA GLU A 384 -3.08 26.03 0.99
C GLU A 384 -4.47 25.57 1.41
N ALA A 385 -4.54 24.56 2.27
CA ALA A 385 -5.83 24.06 2.74
C ALA A 385 -6.47 24.99 3.78
N GLY A 386 -5.83 26.12 4.04
CA GLY A 386 -6.39 27.09 4.98
C GLY A 386 -5.91 27.10 6.40
N ALA A 387 -4.82 26.42 6.70
CA ALA A 387 -4.29 26.42 8.06
C ALA A 387 -3.74 27.82 8.40
N LYS A 388 -3.89 28.26 9.65
CA LYS A 388 -3.35 29.54 10.09
C LYS A 388 -1.92 29.28 10.52
N LYS A 389 -1.70 28.79 11.72
CA LYS A 389 -0.35 28.49 12.15
C LYS A 389 -0.12 26.99 11.90
N VAL A 390 1.09 26.66 11.44
CA VAL A 390 1.47 25.27 11.16
C VAL A 390 2.73 24.96 11.96
N TYR A 391 2.60 24.01 12.87
N TYR A 391 2.61 24.00 12.86
CA TYR A 391 3.68 23.56 13.73
CA TYR A 391 3.71 23.56 13.70
C TYR A 391 4.07 22.12 13.30
C TYR A 391 4.07 22.12 13.30
N LEU A 392 5.34 21.76 13.47
CA LEU A 392 5.79 20.41 13.13
C LEU A 392 6.61 19.79 14.26
N ALA A 393 6.25 18.58 14.65
CA ALA A 393 6.98 17.82 15.66
C ALA A 393 7.59 16.55 15.01
N SER A 394 8.84 16.26 15.34
CA SER A 394 9.54 15.09 14.81
C SER A 394 9.75 14.04 15.89
N ALA A 395 9.28 12.80 15.62
CA ALA A 395 9.42 11.71 16.58
C ALA A 395 10.89 11.35 16.79
N ALA A 396 11.73 11.71 15.85
CA ALA A 396 13.14 11.44 16.00
C ALA A 396 13.90 12.75 16.23
N PRO A 397 15.07 12.67 16.88
CA PRO A 397 15.93 13.83 17.15
C PRO A 397 16.42 14.29 15.78
N GLU A 398 17.19 15.39 15.77
CA GLU A 398 17.75 15.92 14.54
C GLU A 398 18.67 14.85 13.92
N ILE A 399 18.60 14.70 12.60
CA ILE A 399 19.43 13.75 11.88
C ILE A 399 20.57 14.56 11.26
N ARG A 400 21.73 14.51 11.89
CA ARG A 400 22.86 15.35 11.46
C ARG A 400 24.05 14.62 10.84
N PHE A 401 24.13 13.31 11.05
CA PHE A 401 25.26 12.55 10.54
C PHE A 401 24.85 11.37 9.65
N PRO A 402 25.72 10.97 8.71
CA PRO A 402 25.41 9.85 7.83
C PRO A 402 25.44 8.47 8.52
N ASN A 403 24.60 7.55 8.07
CA ASN A 403 24.58 6.19 8.62
C ASN A 403 25.47 5.34 7.70
N VAL A 404 26.45 4.65 8.29
CA VAL A 404 27.35 3.81 7.50
C VAL A 404 27.20 2.32 7.92
N TYR A 405 26.08 1.99 8.54
CA TYR A 405 25.79 0.63 9.03
C TYR A 405 24.64 -0.10 8.31
N GLY A 406 24.22 0.41 7.18
CA GLY A 406 23.18 -0.26 6.45
C GLY A 406 21.93 0.50 6.17
N ILE A 407 21.76 1.67 6.77
CA ILE A 407 20.56 2.44 6.48
C ILE A 407 20.94 3.52 5.44
N ASP A 408 20.27 3.57 4.30
CA ASP A 408 20.60 4.58 3.30
C ASP A 408 20.24 5.98 3.77
N MET A 409 21.24 6.87 3.81
CA MET A 409 21.06 8.29 4.22
C MET A 409 21.84 9.13 3.22
N PRO A 410 21.39 10.35 2.93
CA PRO A 410 22.19 11.13 1.98
C PRO A 410 23.46 11.62 2.72
N SER A 411 24.42 12.22 2.02
CA SER A 411 25.64 12.74 2.66
C SER A 411 25.30 13.91 3.60
N ALA A 412 26.19 14.14 4.58
CA ALA A 412 26.02 15.19 5.56
C ALA A 412 25.49 16.52 5.02
N THR A 413 26.02 16.95 3.89
CA THR A 413 25.59 18.21 3.26
C THR A 413 24.09 18.28 2.99
N GLU A 414 23.50 17.15 2.59
CA GLU A 414 22.09 17.14 2.27
C GLU A 414 21.14 16.98 3.44
N LEU A 415 21.69 16.80 4.64
CA LEU A 415 20.85 16.65 5.83
C LEU A 415 20.60 18.06 6.34
N ILE A 416 19.35 18.50 6.29
CA ILE A 416 19.04 19.85 6.73
C ILE A 416 19.56 20.22 8.14
N ALA A 417 19.52 19.26 9.06
CA ALA A 417 19.98 19.51 10.42
C ALA A 417 21.50 19.59 10.56
N HIS A 418 22.23 19.12 9.55
CA HIS A 418 23.67 19.16 9.63
C HIS A 418 24.21 20.59 9.69
N GLY A 419 24.81 20.93 10.81
CA GLY A 419 25.36 22.24 10.97
C GLY A 419 24.31 23.31 11.11
N ARG A 420 23.10 22.96 11.55
CA ARG A 420 22.02 23.95 11.72
C ARG A 420 21.29 23.73 13.01
N GLU A 421 20.77 24.80 13.60
CA GLU A 421 20.03 24.70 14.86
C GLU A 421 18.53 24.58 14.51
N VAL A 422 17.70 24.23 15.49
CA VAL A 422 16.28 24.06 15.29
C VAL A 422 15.62 25.28 14.65
N ASP A 423 15.85 26.48 15.19
CA ASP A 423 15.22 27.65 14.58
C ASP A 423 15.60 27.88 13.12
N GLU A 424 16.84 27.63 12.72
CA GLU A 424 17.19 27.84 11.31
C GLU A 424 16.50 26.80 10.45
N ILE A 425 16.42 25.56 10.93
CA ILE A 425 15.76 24.50 10.19
C ILE A 425 14.30 24.90 10.03
N ARG A 426 13.71 25.38 11.12
CA ARG A 426 12.32 25.80 11.08
C ARG A 426 12.06 26.88 10.04
N GLN A 427 12.96 27.85 9.94
CA GLN A 427 12.77 28.94 8.99
C GLN A 427 12.91 28.48 7.56
N ILE A 428 13.82 27.53 7.35
CA ILE A 428 14.02 26.97 6.01
C ILE A 428 12.76 26.18 5.54
N ILE A 429 12.20 25.33 6.39
CA ILE A 429 11.02 24.55 6.02
C ILE A 429 9.74 25.38 6.09
N GLY A 430 9.87 26.61 6.58
CA GLY A 430 8.76 27.53 6.66
C GLY A 430 7.68 27.25 7.67
N ALA A 431 8.04 26.62 8.79
CA ALA A 431 7.05 26.31 9.80
C ALA A 431 6.93 27.44 10.82
N ASP A 432 5.83 27.45 11.58
CA ASP A 432 5.64 28.47 12.60
C ASP A 432 6.28 27.99 13.89
N GLY A 433 6.58 26.71 13.93
CA GLY A 433 7.22 26.13 15.09
C GLY A 433 7.74 24.75 14.72
N LEU A 434 8.87 24.36 15.31
CA LEU A 434 9.47 23.06 15.04
C LEU A 434 10.05 22.53 16.35
N ILE A 435 9.80 21.26 16.65
CA ILE A 435 10.30 20.65 17.87
C ILE A 435 10.69 19.20 17.56
N PHE A 436 11.88 18.82 18.00
CA PHE A 436 12.38 17.47 17.79
C PHE A 436 12.39 16.69 19.13
N GLN A 437 12.25 15.37 19.06
CA GLN A 437 12.35 14.51 20.23
C GLN A 437 13.80 14.62 20.76
N ASP A 438 13.99 14.55 22.07
CA ASP A 438 15.34 14.60 22.62
C ASP A 438 15.88 13.16 22.46
N LEU A 439 17.15 13.03 22.16
CA LEU A 439 17.76 11.71 22.01
C LEU A 439 17.61 10.83 23.26
N ASN A 440 17.84 11.41 24.44
CA ASN A 440 17.70 10.62 25.66
C ASN A 440 16.24 10.21 25.83
N ASP A 441 15.31 10.98 25.27
CA ASP A 441 13.90 10.59 25.40
C ASP A 441 13.60 9.41 24.46
N LEU A 442 14.17 9.46 23.26
CA LEU A 442 13.98 8.37 22.29
C LEU A 442 14.55 7.10 22.91
N ILE A 443 15.75 7.20 23.49
CA ILE A 443 16.39 6.05 24.14
C ILE A 443 15.50 5.46 25.20
N ASP A 444 14.99 6.30 26.11
CA ASP A 444 14.11 5.79 27.17
C ASP A 444 12.83 5.18 26.63
N ALA A 445 12.32 5.73 25.53
CA ALA A 445 11.09 5.21 24.91
C ALA A 445 11.28 3.75 24.46
N VAL A 446 12.44 3.48 23.87
CA VAL A 446 12.76 2.15 23.35
C VAL A 446 13.19 1.23 24.48
N ARG A 447 14.08 1.75 25.31
CA ARG A 447 14.63 1.04 26.43
C ARG A 447 13.58 0.63 27.45
N ALA A 448 12.48 1.39 27.54
CA ALA A 448 11.40 1.05 28.49
C ALA A 448 10.86 -0.38 28.19
N GLU A 449 10.92 -0.77 26.92
CA GLU A 449 10.45 -2.08 26.51
C GLU A 449 11.48 -3.20 26.82
N ASN A 450 12.76 -2.87 26.88
CA ASN A 450 13.80 -3.85 27.23
C ASN A 450 14.93 -3.10 27.93
N PRO A 451 14.80 -2.95 29.24
CA PRO A 451 15.83 -2.26 30.02
C PRO A 451 17.24 -2.89 30.00
N ASP A 452 17.36 -4.08 29.41
CA ASP A 452 18.66 -4.74 29.34
C ASP A 452 19.58 -4.06 28.35
N ILE A 453 19.03 -3.39 27.34
CA ILE A 453 19.89 -2.71 26.38
C ILE A 453 20.46 -1.47 27.09
N GLN A 454 21.79 -1.36 27.16
CA GLN A 454 22.45 -0.24 27.83
C GLN A 454 22.65 0.91 26.86
N GLN A 455 23.13 0.61 25.66
CA GLN A 455 23.35 1.63 24.64
C GLN A 455 22.91 1.12 23.27
N PHE A 456 22.35 2.03 22.48
CA PHE A 456 21.92 1.71 21.14
C PHE A 456 22.90 2.33 20.16
N GLU A 457 22.77 1.94 18.91
CA GLU A 457 23.57 2.51 17.84
C GLU A 457 22.79 3.82 17.50
N CYS A 458 23.37 4.97 17.84
CA CYS A 458 22.72 6.27 17.64
C CYS A 458 23.46 7.22 16.71
N SER A 459 24.38 6.74 15.88
CA SER A 459 25.18 7.63 15.05
C SER A 459 24.54 8.71 14.20
N VAL A 460 23.40 8.44 13.58
CA VAL A 460 22.79 9.46 12.74
C VAL A 460 22.38 10.64 13.59
N PHE A 461 22.19 10.39 14.88
CA PHE A 461 21.80 11.45 15.82
C PHE A 461 22.93 12.16 16.55
N ASN A 462 23.93 11.41 17.01
CA ASN A 462 25.04 11.98 17.78
C ASN A 462 26.44 11.94 17.16
N GLY A 463 26.61 11.26 16.03
CA GLY A 463 27.90 11.21 15.36
C GLY A 463 28.95 10.33 16.01
N VAL A 464 28.50 9.50 16.93
CA VAL A 464 29.37 8.57 17.63
C VAL A 464 29.16 7.19 16.95
N TYR A 465 30.16 6.75 16.22
CA TYR A 465 30.18 5.47 15.50
C TYR A 465 30.91 4.44 16.33
N VAL A 466 30.16 3.47 16.79
CA VAL A 466 30.67 2.44 17.67
C VAL A 466 31.87 1.64 17.19
N THR A 467 32.04 1.53 15.88
CA THR A 467 33.16 0.76 15.35
C THR A 467 34.48 1.56 15.32
N LYS A 468 34.39 2.84 15.71
CA LYS A 468 35.55 3.74 15.82
C LYS A 468 36.43 3.84 14.61
N ASP A 469 35.85 3.76 13.42
CA ASP A 469 36.68 3.82 12.23
C ASP A 469 36.08 4.74 11.20
N VAL A 470 35.28 5.68 11.68
CA VAL A 470 34.62 6.63 10.82
C VAL A 470 35.14 8.03 11.06
N ASP A 471 35.78 8.58 10.04
CA ASP A 471 36.30 9.94 10.11
C ASP A 471 35.85 10.60 8.83
N GLN A 472 36.15 11.88 8.69
CA GLN A 472 35.72 12.59 7.49
C GLN A 472 36.25 11.96 6.19
N GLY A 473 37.49 11.49 6.23
CA GLY A 473 38.11 10.87 5.07
C GLY A 473 37.26 9.75 4.52
N TYR A 474 36.77 8.92 5.44
CA TYR A 474 35.89 7.81 5.06
C TYR A 474 34.56 8.33 4.46
N LEU A 475 33.94 9.29 5.13
CA LEU A 475 32.67 9.83 4.64
C LEU A 475 32.83 10.43 3.26
N ASP A 476 33.99 11.04 2.99
CA ASP A 476 34.24 11.61 1.68
C ASP A 476 34.34 10.46 0.69
N PHE A 477 35.01 9.38 1.12
CA PHE A 477 35.14 8.21 0.26
C PHE A 477 33.75 7.71 -0.11
N LEU A 478 32.87 7.61 0.88
CA LEU A 478 31.52 7.14 0.60
C LEU A 478 30.80 8.01 -0.44
N ASP A 479 31.04 9.32 -0.40
CA ASP A 479 30.44 10.24 -1.37
C ASP A 479 30.88 10.01 -2.81
N THR A 480 32.17 9.71 -3.00
CA THR A 480 32.68 9.43 -4.34
C THR A 480 31.94 8.20 -4.91
N LEU A 481 31.63 7.22 -4.05
CA LEU A 481 30.90 6.01 -4.43
C LEU A 481 29.48 6.40 -4.88
N ARG A 482 28.83 7.26 -4.11
CA ARG A 482 27.50 7.74 -4.46
C ARG A 482 27.53 8.38 -5.84
N ASN A 483 28.57 9.17 -6.09
CA ASN A 483 28.75 9.85 -7.36
C ASN A 483 28.85 8.88 -8.52
N ASP A 484 29.61 7.79 -8.34
CA ASP A 484 29.75 6.76 -9.37
C ASP A 484 28.40 6.04 -9.58
N ASP A 485 27.69 5.73 -8.49
CA ASP A 485 26.37 5.07 -8.52
C ASP A 485 25.36 5.91 -9.29
N ALA A 486 25.44 7.21 -9.06
CA ALA A 486 24.57 8.17 -9.71
C ALA A 486 24.76 8.10 -11.23
N LYS A 487 26.03 8.18 -11.68
CA LYS A 487 26.36 8.10 -13.11
C LYS A 487 25.81 6.81 -13.77
N ALA A 488 25.89 5.70 -13.03
CA ALA A 488 25.41 4.38 -13.48
C ALA A 488 23.88 4.37 -13.63
N VAL A 489 23.17 4.81 -12.59
CA VAL A 489 21.71 4.85 -12.62
C VAL A 489 21.20 5.87 -13.66
N GLN A 490 21.92 6.98 -13.81
CA GLN A 490 21.59 8.04 -14.78
C GLN A 490 21.61 7.40 -16.16
N ARG A 491 22.66 6.60 -16.38
CA ARG A 491 22.91 5.87 -17.61
C ARG A 491 21.73 4.94 -17.99
N GLN A 492 21.07 4.37 -16.99
CA GLN A 492 19.91 3.50 -17.19
C GLN A 492 18.65 4.33 -17.07
N CYS B 1 -15.53 0.96 -9.67
CA CYS B 1 -14.80 1.50 -10.87
C CYS B 1 -14.71 2.99 -10.64
N GLY B 2 -13.78 3.64 -11.31
CA GLY B 2 -13.61 5.08 -11.16
C GLY B 2 -13.41 5.60 -12.53
N ILE B 3 -13.82 6.84 -12.77
CA ILE B 3 -13.68 7.47 -14.06
C ILE B 3 -13.11 8.88 -13.90
N VAL B 4 -12.54 9.41 -14.97
N VAL B 4 -12.54 9.39 -14.98
CA VAL B 4 -11.99 10.76 -14.96
CA VAL B 4 -11.96 10.72 -15.02
C VAL B 4 -12.02 11.27 -16.38
C VAL B 4 -12.10 11.25 -16.42
N GLY B 5 -12.33 12.56 -16.53
CA GLY B 5 -12.40 13.19 -17.82
C GLY B 5 -11.76 14.57 -17.65
N ILE B 6 -10.83 14.97 -18.52
CA ILE B 6 -10.23 16.30 -18.41
C ILE B 6 -10.29 16.96 -19.77
N ALA B 7 -10.82 18.19 -19.81
CA ALA B 7 -10.87 18.96 -21.04
C ALA B 7 -9.91 20.10 -20.75
N GLY B 8 -8.66 19.92 -21.16
CA GLY B 8 -7.67 20.94 -20.87
C GLY B 8 -7.23 21.77 -22.04
N VAL B 9 -6.20 22.58 -21.81
CA VAL B 9 -5.63 23.45 -22.83
C VAL B 9 -4.18 23.04 -23.10
N MET B 10 -3.73 22.03 -22.37
CA MET B 10 -2.38 21.51 -22.52
C MET B 10 -2.47 19.97 -22.41
N PRO B 11 -1.37 19.24 -22.73
CA PRO B 11 -1.44 17.78 -22.66
C PRO B 11 -2.02 17.16 -21.38
N VAL B 12 -3.01 16.28 -21.55
CA VAL B 12 -3.67 15.62 -20.43
C VAL B 12 -3.21 14.21 -20.05
N ASN B 13 -2.36 13.58 -20.85
CA ASN B 13 -1.97 12.20 -20.53
C ASN B 13 -1.43 11.97 -19.11
N GLN B 14 -0.49 12.81 -18.66
CA GLN B 14 0.06 12.63 -17.32
C GLN B 14 -0.95 12.97 -16.25
N SER B 15 -1.79 13.97 -16.47
CA SER B 15 -2.77 14.32 -15.45
C SER B 15 -3.86 13.23 -15.30
N ILE B 16 -4.28 12.61 -16.39
CA ILE B 16 -5.31 11.58 -16.29
C ILE B 16 -4.72 10.37 -15.55
N TYR B 17 -3.49 10.00 -15.92
CA TYR B 17 -2.77 8.89 -15.28
C TYR B 17 -2.67 9.12 -13.76
N ASP B 18 -2.27 10.34 -13.38
CA ASP B 18 -2.16 10.68 -11.95
C ASP B 18 -3.51 10.65 -11.26
N ALA B 19 -4.55 11.14 -11.92
CA ALA B 19 -5.90 11.14 -11.35
C ALA B 19 -6.33 9.69 -11.11
N LEU B 20 -6.12 8.82 -12.11
CA LEU B 20 -6.45 7.40 -11.95
C LEU B 20 -5.65 6.77 -10.80
N THR B 21 -4.41 7.19 -10.56
CA THR B 21 -3.67 6.58 -9.45
C THR B 21 -4.33 6.86 -8.10
N VAL B 22 -4.92 8.05 -7.93
CA VAL B 22 -5.58 8.33 -6.65
C VAL B 22 -7.02 7.81 -6.61
N LEU B 23 -7.48 7.27 -7.75
CA LEU B 23 -8.81 6.68 -7.83
C LEU B 23 -8.62 5.14 -7.89
N GLN B 24 -7.37 4.71 -7.89
CA GLN B 24 -6.99 3.32 -7.98
C GLN B 24 -7.71 2.40 -7.01
N HIS B 25 -8.05 2.89 -5.82
CA HIS B 25 -8.80 2.09 -4.87
C HIS B 25 -10.21 1.68 -5.40
N ARG B 26 -10.71 2.36 -6.45
CA ARG B 26 -12.04 2.05 -7.01
C ARG B 26 -12.04 0.83 -7.97
N GLY B 27 -10.86 0.29 -8.27
CA GLY B 27 -10.76 -0.85 -9.15
C GLY B 27 -9.35 -1.05 -9.59
N GLN B 28 -8.77 -2.23 -9.34
CA GLN B 28 -7.38 -2.53 -9.69
C GLN B 28 -7.26 -3.62 -10.76
N ASP B 29 -8.39 -4.02 -11.35
CA ASP B 29 -8.38 -5.06 -12.35
C ASP B 29 -7.86 -4.63 -13.70
N ALA B 30 -8.17 -3.41 -14.11
CA ALA B 30 -7.76 -2.91 -15.41
C ALA B 30 -7.78 -1.40 -15.40
N ALA B 31 -7.19 -0.79 -16.40
CA ALA B 31 -7.20 0.66 -16.50
C ALA B 31 -7.19 0.98 -17.96
N GLY B 32 -7.72 2.16 -18.30
CA GLY B 32 -7.70 2.60 -19.67
C GLY B 32 -7.75 4.11 -19.75
N ILE B 33 -7.03 4.66 -20.72
CA ILE B 33 -7.01 6.09 -20.98
C ILE B 33 -7.15 6.33 -22.47
N ILE B 34 -8.06 7.21 -22.85
CA ILE B 34 -8.18 7.53 -24.26
C ILE B 34 -8.16 9.07 -24.39
N THR B 35 -7.52 9.57 -25.45
CA THR B 35 -7.38 10.99 -25.71
C THR B 35 -7.77 11.30 -27.15
N ILE B 36 -8.05 12.57 -27.42
CA ILE B 36 -8.35 13.02 -28.79
C ILE B 36 -7.10 13.79 -29.16
N ASP B 37 -6.44 13.40 -30.24
CA ASP B 37 -5.23 14.07 -30.62
C ASP B 37 -5.47 15.28 -31.49
N ALA B 38 -4.39 15.94 -31.89
CA ALA B 38 -4.44 17.13 -32.74
C ALA B 38 -5.10 16.88 -34.10
N ASN B 39 -5.17 15.61 -34.52
CA ASN B 39 -5.80 15.29 -35.81
C ASN B 39 -7.21 14.77 -35.62
N ASN B 40 -7.79 14.99 -34.46
CA ASN B 40 -9.15 14.56 -34.21
C ASN B 40 -9.36 13.04 -34.33
N CYS B 41 -8.46 12.30 -33.73
CA CYS B 41 -8.56 10.85 -33.73
C CYS B 41 -8.31 10.39 -32.32
N PHE B 42 -8.91 9.25 -31.97
CA PHE B 42 -8.74 8.70 -30.66
C PHE B 42 -7.39 7.97 -30.55
N ARG B 43 -6.78 8.07 -29.37
CA ARG B 43 -5.51 7.41 -29.04
C ARG B 43 -5.90 6.71 -27.77
N LEU B 44 -5.70 5.40 -27.72
CA LEU B 44 -6.12 4.61 -26.59
C LEU B 44 -5.13 3.60 -26.09
N ARG B 45 -5.11 3.43 -24.77
CA ARG B 45 -4.31 2.41 -24.11
C ARG B 45 -5.13 1.90 -22.92
N LYS B 46 -5.48 0.60 -22.96
CA LYS B 46 -6.20 -0.06 -21.89
C LYS B 46 -5.70 -1.51 -21.82
N ALA B 47 -5.67 -2.09 -20.63
CA ALA B 47 -5.20 -3.46 -20.43
C ALA B 47 -5.46 -3.82 -18.98
N ASN B 48 -5.31 -5.09 -18.65
CA ASN B 48 -5.48 -5.50 -17.25
C ASN B 48 -4.30 -5.00 -16.43
N GLY B 49 -4.50 -4.83 -15.14
CA GLY B 49 -3.41 -4.36 -14.31
C GLY B 49 -3.65 -3.00 -13.66
N LEU B 50 -2.73 -2.66 -12.75
CA LEU B 50 -2.77 -1.40 -12.05
C LEU B 50 -2.39 -0.34 -13.04
N VAL B 51 -2.81 0.90 -12.78
CA VAL B 51 -2.46 2.01 -13.64
C VAL B 51 -0.95 2.04 -13.89
N SER B 52 -0.16 1.92 -12.81
CA SER B 52 1.32 1.97 -12.92
C SER B 52 1.92 0.87 -13.82
N ASP B 53 1.21 -0.25 -13.96
CA ASP B 53 1.68 -1.32 -14.82
C ASP B 53 1.13 -1.21 -16.25
N VAL B 54 -0.10 -0.70 -16.39
CA VAL B 54 -0.74 -0.59 -17.70
C VAL B 54 -0.11 0.41 -18.63
N PHE B 55 0.28 1.57 -18.10
CA PHE B 55 0.85 2.63 -18.94
C PHE B 55 2.36 2.82 -18.82
N GLU B 56 3.05 2.50 -19.89
CA GLU B 56 4.49 2.64 -19.97
C GLU B 56 4.78 3.83 -20.86
N ALA B 57 6.04 4.25 -20.91
CA ALA B 57 6.43 5.38 -21.72
C ALA B 57 5.89 5.33 -23.14
N ARG B 58 6.01 4.20 -23.83
CA ARG B 58 5.56 4.12 -25.23
C ARG B 58 4.07 4.31 -25.40
N HIS B 59 3.30 4.03 -24.36
CA HIS B 59 1.85 4.22 -24.42
C HIS B 59 1.56 5.70 -24.16
N MET B 60 2.22 6.31 -23.17
CA MET B 60 1.99 7.72 -22.89
C MET B 60 2.35 8.57 -24.11
N GLN B 61 3.45 8.21 -24.78
CA GLN B 61 3.86 8.91 -25.99
C GLN B 61 2.74 8.91 -27.01
N ARG B 62 2.03 7.80 -27.18
CA ARG B 62 0.96 7.83 -28.17
C ARG B 62 -0.31 8.55 -27.69
N LEU B 63 -0.51 8.66 -26.38
CA LEU B 63 -1.68 9.37 -25.82
C LEU B 63 -1.55 10.92 -25.87
N GLN B 64 -1.52 11.44 -27.08
CA GLN B 64 -1.41 12.87 -27.31
C GLN B 64 -2.76 13.53 -27.33
N GLY B 65 -2.77 14.81 -26.96
CA GLY B 65 -4.01 15.55 -26.97
C GLY B 65 -4.23 16.30 -25.69
N ASN B 66 -5.16 17.25 -25.76
CA ASN B 66 -5.54 18.13 -24.68
C ASN B 66 -6.85 17.76 -23.99
N MET B 67 -7.50 16.70 -24.44
CA MET B 67 -8.76 16.25 -23.84
C MET B 67 -8.71 14.74 -23.79
N GLY B 68 -9.19 14.14 -22.71
CA GLY B 68 -9.18 12.70 -22.59
C GLY B 68 -9.97 12.17 -21.42
N ILE B 69 -10.23 10.86 -21.39
CA ILE B 69 -10.93 10.24 -20.28
C ILE B 69 -10.17 8.99 -19.82
N GLY B 70 -10.44 8.57 -18.59
CA GLY B 70 -9.75 7.44 -18.02
C GLY B 70 -10.69 6.63 -17.18
N HIS B 71 -10.33 5.35 -16.98
CA HIS B 71 -11.15 4.42 -16.22
C HIS B 71 -10.28 3.37 -15.50
N VAL B 72 -10.70 2.95 -14.31
CA VAL B 72 -10.04 1.87 -13.59
C VAL B 72 -11.20 0.96 -13.26
N ARG B 73 -10.98 -0.33 -13.52
CA ARG B 73 -12.01 -1.32 -13.34
C ARG B 73 -11.91 -2.22 -12.14
N TYR B 74 -13.06 -2.42 -11.52
CA TYR B 74 -13.25 -3.34 -10.41
C TYR B 74 -14.11 -4.39 -11.18
N PRO B 75 -13.69 -5.67 -11.21
CA PRO B 75 -14.47 -6.68 -11.94
C PRO B 75 -15.82 -7.04 -11.33
N THR B 76 -16.85 -7.02 -12.18
CA THR B 76 -18.23 -7.34 -11.80
C THR B 76 -18.82 -8.31 -12.85
N ALA B 77 -19.99 -8.87 -12.55
CA ALA B 77 -20.67 -9.80 -13.46
C ALA B 77 -20.89 -9.12 -14.79
N GLY B 78 -20.38 -9.72 -15.86
CA GLY B 78 -20.48 -9.15 -17.19
C GLY B 78 -19.22 -8.39 -17.58
N SER B 79 -18.31 -8.18 -16.62
CA SER B 79 -17.06 -7.45 -16.86
C SER B 79 -15.94 -8.09 -16.04
N SER B 80 -15.53 -9.30 -16.41
CA SER B 80 -14.48 -10.00 -15.66
C SER B 80 -13.12 -9.54 -16.15
N SER B 81 -12.08 -9.96 -15.44
CA SER B 81 -10.70 -9.62 -15.80
C SER B 81 -10.42 -10.09 -17.19
N ALA B 82 -11.07 -11.20 -17.56
CA ALA B 82 -10.90 -11.79 -18.87
C ALA B 82 -11.44 -10.90 -20.02
N SER B 83 -12.53 -10.19 -19.77
CA SER B 83 -13.15 -9.38 -20.81
C SER B 83 -12.47 -8.04 -21.13
N GLU B 84 -12.90 -7.43 -22.22
CA GLU B 84 -12.33 -6.18 -22.67
C GLU B 84 -12.62 -5.06 -21.65
N ALA B 85 -11.60 -4.26 -21.37
CA ALA B 85 -11.71 -3.18 -20.39
C ALA B 85 -12.30 -1.90 -21.00
N GLN B 86 -12.49 -0.88 -20.18
CA GLN B 86 -12.97 0.42 -20.65
C GLN B 86 -11.74 1.33 -20.74
N PRO B 87 -11.84 2.45 -21.47
CA PRO B 87 -13.11 2.79 -22.13
C PRO B 87 -13.42 2.11 -23.45
N PHE B 88 -14.72 2.05 -23.76
N PHE B 88 -14.68 2.19 -23.87
CA PHE B 88 -15.22 1.46 -25.01
CA PHE B 88 -15.10 1.64 -25.15
C PHE B 88 -15.27 2.58 -26.06
C PHE B 88 -15.34 2.83 -26.09
N TYR B 89 -15.44 2.17 -27.31
N TYR B 89 -15.19 2.61 -27.39
CA TYR B 89 -15.47 3.11 -28.41
CA TYR B 89 -15.45 3.66 -28.36
C TYR B 89 -16.35 2.64 -29.57
C TYR B 89 -16.04 3.12 -29.68
N VAL B 90 -16.93 3.61 -30.30
N VAL B 90 -16.81 3.96 -30.36
CA VAL B 90 -17.73 3.36 -31.51
CA VAL B 90 -17.40 3.62 -31.65
C VAL B 90 -17.26 4.45 -32.47
C VAL B 90 -17.14 4.80 -32.59
N ASN B 91 -17.37 4.18 -33.77
N ASN B 91 -16.78 4.47 -33.83
CA ASN B 91 -16.90 5.07 -34.83
CA ASN B 91 -16.49 5.46 -34.85
C ASN B 91 -18.01 5.85 -35.49
C ASN B 91 -17.72 6.07 -35.54
N SER B 92 -19.25 5.54 -35.14
N SER B 92 -18.92 5.83 -35.01
CA SER B 92 -20.36 6.25 -35.73
CA SER B 92 -20.14 6.41 -35.61
C SER B 92 -21.47 6.38 -34.71
C SER B 92 -21.34 6.44 -34.67
N PRO B 93 -22.11 7.55 -34.68
CA PRO B 93 -21.79 8.69 -35.53
C PRO B 93 -20.63 9.49 -34.89
N TYR B 94 -19.80 10.15 -35.71
CA TYR B 94 -18.70 11.04 -35.26
C TYR B 94 -17.46 10.46 -34.62
N GLY B 95 -17.64 9.51 -33.72
CA GLY B 95 -16.53 8.91 -33.02
C GLY B 95 -16.86 9.26 -31.59
N ILE B 96 -17.27 8.25 -30.82
CA ILE B 96 -17.68 8.46 -29.45
C ILE B 96 -17.03 7.43 -28.53
N THR B 97 -16.49 7.89 -27.39
CA THR B 97 -15.89 6.99 -26.38
C THR B 97 -16.52 7.28 -25.04
N LEU B 98 -16.71 6.24 -24.24
CA LEU B 98 -17.34 6.46 -22.96
C LEU B 98 -16.76 5.58 -21.88
N ALA B 99 -16.87 6.04 -20.64
CA ALA B 99 -16.39 5.28 -19.51
C ALA B 99 -17.46 5.42 -18.46
N HIS B 100 -17.68 4.36 -17.70
CA HIS B 100 -18.76 4.42 -16.75
C HIS B 100 -18.52 3.62 -15.47
N ASN B 101 -19.12 4.12 -14.38
CA ASN B 101 -19.06 3.46 -13.10
C ASN B 101 -20.50 3.29 -12.73
N GLY B 102 -20.95 2.03 -12.67
CA GLY B 102 -22.33 1.77 -12.33
C GLY B 102 -22.82 0.48 -12.97
N ASN B 103 -24.14 0.36 -13.16
CA ASN B 103 -24.73 -0.83 -13.76
C ASN B 103 -26.14 -0.55 -14.28
N LEU B 104 -26.44 -1.04 -15.49
CA LEU B 104 -27.76 -0.86 -16.11
C LEU B 104 -28.61 -2.10 -15.86
N THR B 105 -29.69 -1.95 -15.13
CA THR B 105 -30.55 -3.07 -14.78
C THR B 105 -31.39 -3.59 -15.93
N ASN B 106 -31.38 -2.89 -17.06
CA ASN B 106 -32.15 -3.35 -18.23
C ASN B 106 -31.24 -3.53 -19.44
N ALA B 107 -29.98 -3.88 -19.16
CA ALA B 107 -28.97 -4.08 -20.19
C ALA B 107 -29.38 -5.12 -21.26
N HIS B 108 -30.00 -6.18 -20.80
CA HIS B 108 -30.41 -7.25 -21.69
C HIS B 108 -31.36 -6.74 -22.78
N GLU B 109 -32.44 -6.14 -22.33
CA GLU B 109 -33.43 -5.58 -23.20
C GLU B 109 -32.81 -4.53 -24.10
N LEU B 110 -31.92 -3.67 -23.57
CA LEU B 110 -31.26 -2.63 -24.41
C LEU B 110 -30.46 -3.28 -25.53
N ARG B 111 -29.77 -4.36 -25.21
CA ARG B 111 -28.95 -5.06 -26.20
C ARG B 111 -29.82 -5.59 -27.36
N LYS B 112 -30.98 -6.14 -27.00
CA LYS B 112 -31.95 -6.66 -27.96
C LYS B 112 -32.48 -5.54 -28.87
N LYS B 113 -32.94 -4.44 -28.28
CA LYS B 113 -33.45 -3.31 -29.08
C LYS B 113 -32.38 -2.74 -30.00
N LEU B 114 -31.15 -2.66 -29.52
CA LEU B 114 -30.04 -2.14 -30.31
C LEU B 114 -29.82 -3.04 -31.54
N PHE B 115 -29.91 -4.34 -31.32
CA PHE B 115 -29.72 -5.29 -32.42
C PHE B 115 -30.88 -5.18 -33.43
N GLU B 116 -32.10 -5.34 -32.92
CA GLU B 116 -33.32 -5.29 -33.73
C GLU B 116 -33.58 -3.98 -34.46
N GLU B 117 -33.53 -2.86 -33.74
CA GLU B 117 -33.81 -1.57 -34.34
C GLU B 117 -32.66 -0.90 -35.06
N LYS B 118 -31.44 -1.06 -34.53
CA LYS B 118 -30.31 -0.36 -35.11
C LYS B 118 -29.22 -1.20 -35.73
N ARG B 119 -29.32 -2.52 -35.59
CA ARG B 119 -28.31 -3.42 -36.16
C ARG B 119 -26.93 -3.17 -35.49
N ARG B 120 -26.98 -2.75 -34.22
CA ARG B 120 -25.76 -2.46 -33.45
C ARG B 120 -25.36 -3.65 -32.66
N HIS B 121 -24.18 -4.17 -32.99
CA HIS B 121 -23.63 -5.36 -32.35
C HIS B 121 -22.86 -4.95 -31.09
N ILE B 122 -23.04 -5.72 -30.02
CA ILE B 122 -22.37 -5.49 -28.76
C ILE B 122 -21.37 -6.64 -28.67
N ASN B 123 -20.08 -6.33 -28.66
CA ASN B 123 -19.07 -7.37 -28.63
C ASN B 123 -18.70 -8.01 -27.29
N THR B 124 -19.03 -7.36 -26.19
CA THR B 124 -18.69 -7.87 -24.86
C THR B 124 -19.94 -8.01 -24.03
N THR B 125 -19.78 -8.43 -22.78
CA THR B 125 -20.93 -8.54 -21.91
C THR B 125 -21.05 -7.30 -21.00
N SER B 126 -20.27 -6.26 -21.31
CA SER B 126 -20.27 -5.01 -20.55
C SER B 126 -21.43 -4.05 -20.82
N ASP B 127 -22.19 -3.74 -19.77
CA ASP B 127 -23.31 -2.82 -19.89
C ASP B 127 -22.80 -1.42 -20.27
N SER B 128 -21.50 -1.18 -20.11
CA SER B 128 -20.93 0.11 -20.49
C SER B 128 -20.89 0.24 -22.01
N GLU B 129 -20.63 -0.87 -22.71
CA GLU B 129 -20.59 -0.87 -24.18
C GLU B 129 -22.03 -0.61 -24.69
N ILE B 130 -23.01 -1.11 -23.97
CA ILE B 130 -24.41 -0.92 -24.31
C ILE B 130 -24.84 0.54 -24.10
N LEU B 131 -24.39 1.10 -22.98
CA LEU B 131 -24.72 2.47 -22.66
C LEU B 131 -24.16 3.34 -23.79
N LEU B 132 -22.95 3.04 -24.22
CA LEU B 132 -22.35 3.83 -25.27
C LEU B 132 -23.12 3.72 -26.58
N ASN B 133 -23.61 2.53 -26.89
CA ASN B 133 -24.35 2.35 -28.13
C ASN B 133 -25.70 3.04 -28.13
N ILE B 134 -26.40 3.04 -26.98
CA ILE B 134 -27.68 3.76 -26.88
C ILE B 134 -27.39 5.27 -27.10
N PHE B 135 -26.34 5.75 -26.44
CA PHE B 135 -25.94 7.15 -26.57
C PHE B 135 -25.60 7.47 -28.03
N ALA B 136 -24.78 6.63 -28.65
CA ALA B 136 -24.38 6.81 -30.04
C ALA B 136 -25.61 6.80 -30.99
N SER B 137 -26.56 5.92 -30.75
CA SER B 137 -27.72 5.88 -31.64
C SER B 137 -28.57 7.15 -31.47
N GLU B 138 -28.76 7.60 -30.24
CA GLU B 138 -29.51 8.86 -30.04
C GLU B 138 -28.78 10.03 -30.72
N LEU B 139 -27.46 10.01 -30.76
CA LEU B 139 -26.71 11.10 -31.39
C LEU B 139 -26.78 11.01 -32.91
N ASP B 140 -27.23 9.87 -33.43
CA ASP B 140 -27.25 9.69 -34.88
C ASP B 140 -28.53 10.25 -35.56
N ASN B 141 -29.37 10.91 -34.75
CA ASN B 141 -30.63 11.48 -35.21
C ASN B 141 -30.59 12.93 -35.76
N PHE B 142 -29.41 13.53 -35.87
CA PHE B 142 -29.36 14.89 -36.37
C PHE B 142 -28.79 15.03 -37.77
N ARG B 143 -29.26 16.04 -38.49
CA ARG B 143 -28.80 16.20 -39.85
C ARG B 143 -28.20 17.56 -40.17
N HIS B 144 -27.37 18.05 -39.27
CA HIS B 144 -26.68 19.31 -39.50
C HIS B 144 -25.42 19.11 -38.70
N TYR B 145 -24.34 19.76 -39.10
CA TYR B 145 -23.07 19.57 -38.44
C TYR B 145 -22.48 20.94 -38.23
N PRO B 146 -21.83 21.20 -37.05
CA PRO B 146 -21.66 20.25 -35.94
C PRO B 146 -22.95 20.16 -35.16
N LEU B 147 -22.95 19.30 -34.15
CA LEU B 147 -24.11 19.17 -33.30
C LEU B 147 -24.04 20.37 -32.36
N GLU B 148 -25.20 20.85 -31.95
CA GLU B 148 -25.26 21.95 -31.01
C GLU B 148 -25.32 21.32 -29.62
N ALA B 149 -24.98 22.11 -28.59
CA ALA B 149 -25.04 21.64 -27.22
C ALA B 149 -26.41 21.02 -26.94
N ASP B 150 -27.45 21.72 -27.36
CA ASP B 150 -28.82 21.29 -27.14
C ASP B 150 -29.08 19.91 -27.76
N ASN B 151 -28.41 19.61 -28.88
CA ASN B 151 -28.59 18.33 -29.57
C ASN B 151 -27.94 17.29 -28.68
N ILE B 152 -26.72 17.56 -28.23
CA ILE B 152 -26.05 16.60 -27.36
C ILE B 152 -26.84 16.35 -26.07
N PHE B 153 -27.35 17.42 -25.44
CA PHE B 153 -28.13 17.22 -24.22
C PHE B 153 -29.42 16.44 -24.54
N ALA B 154 -30.02 16.72 -25.70
CA ALA B 154 -31.26 16.04 -26.10
C ALA B 154 -30.97 14.53 -26.21
N ALA B 155 -29.81 14.19 -26.77
CA ALA B 155 -29.39 12.78 -26.90
C ALA B 155 -29.21 12.11 -25.52
N ILE B 156 -28.64 12.85 -24.57
CA ILE B 156 -28.45 12.29 -23.23
C ILE B 156 -29.80 12.11 -22.58
N ALA B 157 -30.70 13.06 -22.84
CA ALA B 157 -32.04 12.98 -22.24
C ALA B 157 -32.79 11.77 -22.80
N ALA B 158 -32.64 11.54 -24.09
CA ALA B 158 -33.27 10.38 -24.76
C ALA B 158 -32.72 9.12 -24.16
N THR B 159 -31.40 9.08 -23.98
CA THR B 159 -30.73 7.92 -23.37
C THR B 159 -31.27 7.59 -21.96
N ASN B 160 -31.38 8.63 -21.10
CA ASN B 160 -31.91 8.43 -19.75
C ASN B 160 -33.34 7.86 -19.75
N ARG B 161 -34.16 8.21 -20.75
CA ARG B 161 -35.52 7.66 -20.79
C ARG B 161 -35.48 6.17 -21.13
N LEU B 162 -34.45 5.76 -21.89
CA LEU B 162 -34.29 4.37 -22.29
C LEU B 162 -33.60 3.45 -21.29
N ILE B 163 -32.51 3.91 -20.69
CA ILE B 163 -31.76 3.06 -19.76
C ILE B 163 -32.22 3.21 -18.31
N ARG B 164 -31.96 2.18 -17.51
CA ARG B 164 -32.31 2.16 -16.10
C ARG B 164 -31.14 1.60 -15.30
N GLY B 165 -30.99 2.02 -14.03
CA GLY B 165 -29.90 1.53 -13.19
C GLY B 165 -29.17 2.68 -12.51
N ALA B 166 -27.85 2.58 -12.40
CA ALA B 166 -27.04 3.62 -11.77
C ALA B 166 -25.84 3.85 -12.66
N TYR B 167 -25.43 5.09 -12.80
CA TYR B 167 -24.31 5.41 -13.64
C TYR B 167 -23.74 6.81 -13.48
N ALA B 168 -22.42 6.87 -13.56
CA ALA B 168 -21.67 8.11 -13.58
C ALA B 168 -20.87 7.87 -14.87
N CYS B 169 -21.03 8.72 -15.86
CA CYS B 169 -20.34 8.55 -17.14
C CYS B 169 -19.59 9.79 -17.58
N VAL B 170 -18.55 9.58 -18.37
CA VAL B 170 -17.79 10.63 -18.96
C VAL B 170 -17.54 10.11 -20.36
N ALA B 171 -17.65 10.98 -21.35
CA ALA B 171 -17.48 10.55 -22.74
C ALA B 171 -16.93 11.68 -23.53
N MET B 172 -16.52 11.40 -24.76
CA MET B 172 -16.01 12.40 -25.65
C MET B 172 -16.59 12.11 -27.01
N ILE B 173 -16.86 13.17 -27.77
CA ILE B 173 -17.40 13.08 -29.12
C ILE B 173 -16.44 13.84 -29.98
N ILE B 174 -15.83 13.16 -30.95
N ILE B 174 -15.88 13.15 -30.99
CA ILE B 174 -14.89 13.80 -31.83
CA ILE B 174 -14.96 13.75 -31.92
C ILE B 174 -15.54 15.01 -32.50
C ILE B 174 -15.56 15.02 -32.52
N GLY B 175 -14.76 16.09 -32.55
CA GLY B 175 -15.19 17.34 -33.11
C GLY B 175 -16.11 18.19 -32.24
N HIS B 176 -16.43 17.72 -31.04
CA HIS B 176 -17.35 18.48 -30.19
C HIS B 176 -16.79 18.72 -28.79
N GLY B 177 -16.62 17.66 -28.00
CA GLY B 177 -16.08 17.88 -26.67
C GLY B 177 -16.30 16.71 -25.75
N MET B 178 -16.31 17.00 -24.46
CA MET B 178 -16.47 16.00 -23.44
C MET B 178 -17.78 16.23 -22.74
N VAL B 179 -18.48 15.13 -22.39
CA VAL B 179 -19.76 15.19 -21.70
C VAL B 179 -19.61 14.30 -20.49
N ALA B 180 -20.36 14.58 -19.44
CA ALA B 180 -20.35 13.76 -18.23
C ALA B 180 -21.78 13.81 -17.78
N PHE B 181 -22.29 12.74 -17.18
CA PHE B 181 -23.67 12.75 -16.74
C PHE B 181 -23.86 11.71 -15.68
N ARG B 182 -24.91 11.88 -14.89
CA ARG B 182 -25.19 11.05 -13.74
C ARG B 182 -26.61 10.59 -13.80
N ASP B 183 -26.85 9.39 -13.23
CA ASP B 183 -28.18 8.80 -13.20
C ASP B 183 -29.20 9.67 -12.46
N PRO B 184 -30.50 9.53 -12.82
CA PRO B 184 -31.60 10.31 -12.21
C PRO B 184 -31.70 10.24 -10.71
N ASN B 185 -31.11 9.22 -10.10
CA ASN B 185 -31.11 9.06 -8.65
C ASN B 185 -29.81 9.43 -7.96
N GLY B 186 -28.87 10.02 -8.69
CA GLY B 186 -27.59 10.39 -8.07
C GLY B 186 -26.95 9.29 -7.21
N ILE B 187 -27.04 8.06 -7.69
CA ILE B 187 -26.50 6.94 -6.93
C ILE B 187 -24.97 6.84 -6.95
N ARG B 188 -24.40 6.91 -8.14
CA ARG B 188 -22.97 6.78 -8.33
C ARG B 188 -22.35 8.15 -8.23
N PRO B 189 -21.13 8.23 -7.71
CA PRO B 189 -20.49 9.52 -7.56
C PRO B 189 -19.87 10.23 -8.75
N LEU B 190 -19.98 11.56 -8.78
CA LEU B 190 -19.38 12.34 -9.87
C LEU B 190 -19.28 13.81 -9.51
N VAL B 191 -18.06 14.36 -9.57
CA VAL B 191 -17.83 15.76 -9.24
C VAL B 191 -17.19 16.49 -10.37
N LEU B 192 -17.30 17.81 -10.36
CA LEU B 192 -16.76 18.65 -11.40
C LEU B 192 -15.83 19.69 -10.77
N GLY B 193 -14.78 20.01 -11.50
CA GLY B 193 -13.79 20.98 -11.03
C GLY B 193 -13.23 21.77 -12.19
N LYS B 194 -12.45 22.80 -11.89
CA LYS B 194 -11.87 23.63 -12.94
C LYS B 194 -10.47 24.09 -12.56
N ARG B 195 -9.70 24.51 -13.54
CA ARG B 195 -8.36 25.02 -13.31
C ARG B 195 -8.18 26.21 -14.25
N ASP B 196 -8.17 27.43 -13.70
CA ASP B 196 -8.02 28.60 -14.57
C ASP B 196 -6.60 28.77 -15.03
N ILE B 197 -6.44 29.09 -16.31
CA ILE B 197 -5.13 29.27 -16.91
C ILE B 197 -4.95 30.77 -17.16
N ASP B 198 -5.98 31.43 -17.69
CA ASP B 198 -5.97 32.86 -17.93
C ASP B 198 -7.36 33.37 -18.29
N GLU B 199 -7.47 34.63 -18.69
CA GLU B 199 -8.76 35.22 -19.07
C GLU B 199 -9.48 34.35 -20.10
N ASN B 200 -10.62 33.83 -19.69
CA ASN B 200 -11.43 32.95 -20.53
C ASN B 200 -10.74 31.67 -21.12
N ARG B 201 -9.80 31.07 -20.35
CA ARG B 201 -9.14 29.78 -20.69
C ARG B 201 -9.05 28.99 -19.40
N THR B 202 -9.98 28.07 -19.23
CA THR B 202 -10.08 27.26 -18.05
C THR B 202 -10.18 25.80 -18.49
N GLU B 203 -9.59 24.93 -17.70
CA GLU B 203 -9.64 23.51 -17.97
C GLU B 203 -10.70 22.99 -17.03
N TYR B 204 -11.42 21.96 -17.46
CA TYR B 204 -12.46 21.37 -16.64
C TYR B 204 -12.16 19.90 -16.48
N MET B 205 -12.64 19.34 -15.39
CA MET B 205 -12.45 17.93 -15.13
C MET B 205 -13.60 17.36 -14.34
N VAL B 206 -13.90 16.09 -14.56
CA VAL B 206 -14.92 15.39 -13.80
C VAL B 206 -14.21 14.13 -13.29
N ALA B 207 -14.63 13.60 -12.16
CA ALA B 207 -14.00 12.38 -11.68
C ALA B 207 -14.97 11.77 -10.74
N SER B 208 -14.79 10.48 -10.43
CA SER B 208 -15.67 9.82 -9.49
C SER B 208 -15.58 10.42 -8.10
N GLU B 209 -14.40 10.89 -7.73
CA GLU B 209 -14.19 11.43 -6.37
C GLU B 209 -13.43 12.73 -6.43
N SER B 210 -13.64 13.58 -5.42
CA SER B 210 -12.94 14.87 -5.37
C SER B 210 -11.42 14.78 -5.14
N VAL B 211 -10.92 13.65 -4.63
N VAL B 211 -10.94 13.64 -4.64
CA VAL B 211 -9.47 13.52 -4.44
CA VAL B 211 -9.51 13.46 -4.43
C VAL B 211 -8.72 13.64 -5.77
C VAL B 211 -8.73 13.60 -5.75
N ALA B 212 -9.37 13.23 -6.87
CA ALA B 212 -8.76 13.34 -8.18
C ALA B 212 -8.59 14.81 -8.60
N LEU B 213 -9.52 15.65 -8.18
CA LEU B 213 -9.49 17.08 -8.47
C LEU B 213 -8.36 17.69 -7.62
N ASP B 214 -8.32 17.30 -6.32
CA ASP B 214 -7.31 17.77 -5.35
C ASP B 214 -5.91 17.50 -5.84
N THR B 215 -5.67 16.25 -6.15
CA THR B 215 -4.35 15.85 -6.57
C THR B 215 -3.83 16.60 -7.78
N LEU B 216 -4.73 17.02 -8.67
CA LEU B 216 -4.27 17.74 -9.84
C LEU B 216 -4.30 19.25 -9.66
N GLY B 217 -4.63 19.71 -8.47
CA GLY B 217 -4.72 21.16 -8.23
C GLY B 217 -5.94 21.80 -8.90
N PHE B 218 -7.02 21.05 -9.12
CA PHE B 218 -8.21 21.65 -9.74
C PHE B 218 -9.10 22.18 -8.61
N ASP B 219 -9.71 23.35 -8.79
CA ASP B 219 -10.67 23.86 -7.80
C ASP B 219 -11.98 23.05 -7.89
N PHE B 220 -12.47 22.55 -6.76
CA PHE B 220 -13.68 21.78 -6.70
C PHE B 220 -14.83 22.74 -6.94
N LEU B 221 -15.72 22.42 -7.89
CA LEU B 221 -16.85 23.30 -8.12
C LEU B 221 -18.05 22.71 -7.40
N ARG B 222 -18.44 21.47 -7.75
CA ARG B 222 -19.57 20.82 -7.10
C ARG B 222 -19.80 19.42 -7.67
N ASP B 223 -20.76 18.70 -7.08
CA ASP B 223 -21.13 17.38 -7.55
C ASP B 223 -21.98 17.64 -8.78
N VAL B 224 -21.92 16.72 -9.74
CA VAL B 224 -22.77 16.81 -10.90
C VAL B 224 -24.09 16.41 -10.29
N ALA B 225 -25.16 17.17 -10.55
CA ALA B 225 -26.45 16.86 -9.96
C ALA B 225 -27.08 15.59 -10.54
N PRO B 226 -28.01 14.95 -9.78
CA PRO B 226 -28.67 13.73 -10.27
C PRO B 226 -29.38 14.06 -11.58
N GLY B 227 -29.10 13.28 -12.61
CA GLY B 227 -29.74 13.50 -13.88
C GLY B 227 -29.16 14.57 -14.71
N GLU B 228 -28.16 15.27 -14.20
CA GLU B 228 -27.56 16.35 -14.95
C GLU B 228 -26.44 15.91 -15.89
N ALA B 229 -26.23 16.68 -16.95
CA ALA B 229 -25.14 16.44 -17.90
C ALA B 229 -24.25 17.68 -17.96
N ILE B 230 -22.98 17.50 -18.27
CA ILE B 230 -22.07 18.62 -18.38
C ILE B 230 -21.49 18.45 -19.74
N TYR B 231 -21.31 19.52 -20.48
CA TYR B 231 -20.69 19.43 -21.79
C TYR B 231 -19.64 20.52 -21.87
N ILE B 232 -18.40 20.13 -22.15
CA ILE B 232 -17.28 21.05 -22.28
C ILE B 232 -16.82 20.96 -23.72
N THR B 233 -16.90 22.07 -24.46
CA THR B 233 -16.49 22.03 -25.87
C THR B 233 -14.99 22.02 -26.00
N GLU B 234 -14.50 21.70 -27.19
CA GLU B 234 -13.06 21.69 -27.44
C GLU B 234 -12.47 23.08 -27.28
N GLU B 235 -13.31 24.09 -27.46
CA GLU B 235 -12.89 25.48 -27.36
C GLU B 235 -12.92 25.96 -25.90
N GLY B 236 -13.23 25.06 -24.97
CA GLY B 236 -13.21 25.40 -23.56
C GLY B 236 -14.41 26.05 -22.92
N GLN B 237 -15.57 25.92 -23.55
CA GLN B 237 -16.79 26.50 -23.01
C GLN B 237 -17.57 25.49 -22.22
N LEU B 238 -18.21 25.98 -21.16
CA LEU B 238 -18.99 25.16 -20.27
C LEU B 238 -20.51 25.26 -20.47
N PHE B 239 -21.16 24.10 -20.54
CA PHE B 239 -22.63 24.05 -20.67
C PHE B 239 -23.09 22.95 -19.74
N THR B 240 -24.32 23.06 -19.24
CA THR B 240 -24.85 22.01 -18.37
C THR B 240 -26.36 21.97 -18.62
N ARG B 241 -27.00 20.88 -18.23
N ARG B 241 -27.01 20.89 -18.23
CA ARG B 241 -28.43 20.74 -18.42
CA ARG B 241 -28.45 20.77 -18.40
C ARG B 241 -28.97 19.57 -17.62
C ARG B 241 -28.97 19.59 -17.61
N GLN B 242 -30.16 19.75 -17.03
CA GLN B 242 -30.80 18.68 -16.29
C GLN B 242 -31.34 17.83 -17.47
N CYS B 243 -31.01 16.54 -17.50
CA CYS B 243 -31.45 15.69 -18.60
C CYS B 243 -32.28 14.51 -18.11
N ALA B 244 -32.91 14.67 -16.94
CA ALA B 244 -33.74 13.62 -16.36
C ALA B 244 -35.08 14.21 -15.94
N ASP B 245 -36.14 13.40 -16.05
CA ASP B 245 -37.49 13.82 -15.72
C ASP B 245 -37.77 14.13 -14.27
N ASN B 246 -37.41 13.21 -13.38
CA ASN B 246 -37.66 13.43 -11.96
C ASN B 246 -36.43 13.06 -11.14
N PRO B 247 -35.34 13.85 -11.25
CA PRO B 247 -34.11 13.57 -10.52
C PRO B 247 -34.30 13.68 -9.02
N VAL B 248 -33.69 12.73 -8.31
CA VAL B 248 -33.73 12.64 -6.87
C VAL B 248 -32.30 12.31 -6.43
N SER B 249 -31.93 12.72 -5.23
CA SER B 249 -30.58 12.47 -4.74
C SER B 249 -30.63 11.27 -3.79
N ASN B 250 -30.18 10.11 -4.28
CA ASN B 250 -30.15 8.89 -3.47
C ASN B 250 -28.75 8.29 -3.59
N PRO B 251 -27.72 8.97 -3.02
CA PRO B 251 -26.31 8.55 -3.05
C PRO B 251 -26.13 7.17 -2.49
N CYS B 252 -25.24 6.40 -3.09
CA CYS B 252 -24.93 5.07 -2.59
C CYS B 252 -24.33 5.23 -1.19
N LEU B 253 -24.94 4.60 -0.22
CA LEU B 253 -24.46 4.66 1.15
C LEU B 253 -23.14 3.88 1.33
N PHE B 254 -22.88 2.92 0.44
CA PHE B 254 -21.66 2.12 0.49
C PHE B 254 -20.38 2.88 0.24
N GLU B 255 -20.48 3.89 -0.60
CA GLU B 255 -19.34 4.74 -0.87
C GLU B 255 -18.79 5.28 0.48
N TYR B 256 -19.71 5.71 1.34
CA TYR B 256 -19.38 6.26 2.65
C TYR B 256 -18.83 5.20 3.62
N VAL B 257 -19.46 4.02 3.67
CA VAL B 257 -18.97 2.98 4.57
C VAL B 257 -17.51 2.55 4.31
N TYR B 258 -17.12 2.36 3.06
CA TYR B 258 -15.73 1.95 2.82
C TYR B 258 -15.17 2.06 1.40
N PHE B 259 -16.02 2.21 0.40
CA PHE B 259 -15.55 2.24 -0.98
C PHE B 259 -14.78 3.46 -1.41
N ALA B 260 -15.25 4.63 -0.99
CA ALA B 260 -14.55 5.86 -1.39
C ALA B 260 -13.40 6.20 -0.45
N ARG B 261 -12.56 7.14 -0.86
CA ARG B 261 -11.43 7.57 -0.02
C ARG B 261 -11.98 8.53 1.06
N PRO B 262 -11.42 8.50 2.29
CA PRO B 262 -11.91 9.39 3.36
C PRO B 262 -11.78 10.88 3.09
N ASP B 263 -10.78 11.26 2.30
CA ASP B 263 -10.55 12.66 1.97
C ASP B 263 -11.45 13.20 0.88
N SER B 264 -12.41 12.37 0.46
CA SER B 264 -13.36 12.79 -0.57
C SER B 264 -14.62 13.38 0.05
N PHE B 265 -15.26 14.27 -0.70
CA PHE B 265 -16.51 14.91 -0.29
C PHE B 265 -17.47 14.49 -1.37
N ILE B 266 -18.45 13.70 -1.00
CA ILE B 266 -19.43 13.21 -1.97
C ILE B 266 -20.77 13.77 -1.59
N ASP B 267 -21.38 14.51 -2.50
CA ASP B 267 -22.69 15.15 -2.24
C ASP B 267 -22.61 15.94 -0.92
N LYS B 268 -21.53 16.72 -0.82
CA LYS B 268 -21.26 17.60 0.32
C LYS B 268 -20.95 16.93 1.63
N ILE B 269 -20.77 15.61 1.62
CA ILE B 269 -20.48 14.87 2.84
C ILE B 269 -19.04 14.40 2.86
N SER B 270 -18.28 14.76 3.88
CA SER B 270 -16.91 14.31 4.01
C SER B 270 -16.99 12.83 4.32
N VAL B 271 -16.31 11.98 3.55
CA VAL B 271 -16.35 10.55 3.81
C VAL B 271 -15.72 10.27 5.18
N TYR B 272 -14.63 10.96 5.46
CA TYR B 272 -13.94 10.82 6.75
C TYR B 272 -14.87 11.14 7.91
N SER B 273 -15.49 12.30 7.90
CA SER B 273 -16.39 12.66 9.01
C SER B 273 -17.53 11.69 9.18
N ALA B 274 -18.11 11.24 8.06
CA ALA B 274 -19.20 10.28 8.09
C ALA B 274 -18.74 9.00 8.79
N ARG B 275 -17.50 8.57 8.53
CA ARG B 275 -17.00 7.35 9.16
C ARG B 275 -16.77 7.58 10.62
N VAL B 276 -16.28 8.78 10.99
CA VAL B 276 -16.09 9.08 12.42
C VAL B 276 -17.46 9.04 13.04
N ASN B 277 -18.46 9.62 12.39
CA ASN B 277 -19.83 9.60 12.95
C ASN B 277 -20.36 8.17 13.05
N MET B 278 -19.96 7.31 12.12
CA MET B 278 -20.38 5.90 12.18
C MET B 278 -19.84 5.28 13.47
N GLY B 279 -18.63 5.68 13.84
CA GLY B 279 -18.01 5.20 15.07
C GLY B 279 -18.78 5.72 16.29
N THR B 280 -19.16 6.98 16.27
CA THR B 280 -19.92 7.56 17.38
C THR B 280 -21.23 6.78 17.57
N LYS B 281 -21.96 6.56 16.47
CA LYS B 281 -23.22 5.82 16.56
C LYS B 281 -23.03 4.40 17.06
N LEU B 282 -22.06 3.69 16.49
CA LEU B 282 -21.84 2.31 16.86
C LEU B 282 -21.33 2.18 18.28
N GLY B 283 -20.49 3.12 18.70
CA GLY B 283 -19.98 3.10 20.07
C GLY B 283 -21.11 3.32 21.09
N GLU B 284 -22.00 4.26 20.79
CA GLU B 284 -23.14 4.51 21.68
C GLU B 284 -24.04 3.31 21.68
N LYS B 285 -24.20 2.64 20.53
CA LYS B 285 -25.03 1.46 20.53
C LYS B 285 -24.40 0.41 21.40
N ILE B 286 -23.08 0.26 21.28
CA ILE B 286 -22.36 -0.75 22.10
C ILE B 286 -22.45 -0.38 23.59
N ALA B 287 -22.27 0.90 23.94
CA ALA B 287 -22.35 1.31 25.34
C ALA B 287 -23.73 0.98 25.93
N ARG B 288 -24.76 1.18 25.13
CA ARG B 288 -26.13 0.91 25.57
C ARG B 288 -26.40 -0.61 25.66
N GLU B 289 -26.12 -1.34 24.59
CA GLU B 289 -26.40 -2.78 24.51
C GLU B 289 -25.43 -3.80 25.12
N TRP B 290 -24.14 -3.45 25.17
CA TRP B 290 -23.10 -4.32 25.75
C TRP B 290 -22.53 -3.75 27.06
N GLU B 291 -23.38 -3.06 27.80
CA GLU B 291 -23.03 -2.43 29.07
C GLU B 291 -22.38 -3.35 30.10
N ASP B 292 -22.86 -4.60 30.16
CA ASP B 292 -22.37 -5.62 31.10
C ASP B 292 -21.05 -6.32 30.72
N LEU B 293 -20.50 -6.01 29.55
CA LEU B 293 -19.28 -6.67 29.09
C LEU B 293 -17.98 -5.98 29.42
N ASP B 294 -16.99 -6.80 29.73
CA ASP B 294 -15.65 -6.32 30.03
C ASP B 294 -14.82 -6.53 28.77
N ILE B 295 -14.48 -5.39 28.16
CA ILE B 295 -13.70 -5.30 26.94
C ILE B 295 -12.46 -4.56 27.38
N ASP B 296 -11.29 -5.12 27.11
CA ASP B 296 -10.04 -4.49 27.50
C ASP B 296 -9.48 -3.53 26.49
N VAL B 297 -9.80 -3.75 25.21
CA VAL B 297 -9.23 -2.92 24.19
C VAL B 297 -10.07 -2.95 22.90
N VAL B 298 -9.97 -1.90 22.09
CA VAL B 298 -10.69 -1.82 20.83
C VAL B 298 -9.58 -1.90 19.78
N ILE B 299 -9.72 -2.88 18.88
CA ILE B 299 -8.73 -3.14 17.82
C ILE B 299 -9.38 -3.12 16.44
N PRO B 300 -8.94 -2.20 15.57
CA PRO B 300 -9.55 -2.14 14.23
C PRO B 300 -8.99 -3.22 13.32
N ILE B 301 -9.78 -3.64 12.35
CA ILE B 301 -9.31 -4.61 11.38
C ILE B 301 -9.06 -3.67 10.23
N PRO B 302 -7.78 -3.42 9.90
CA PRO B 302 -7.32 -2.51 8.83
C PRO B 302 -8.01 -2.78 7.49
N GLU B 303 -8.16 -1.76 6.63
CA GLU B 303 -7.70 -0.38 6.87
C GLU B 303 -8.78 0.68 7.10
N THR B 304 -9.95 0.48 6.50
CA THR B 304 -11.05 1.42 6.61
C THR B 304 -11.54 1.74 8.02
N SER B 305 -11.46 0.74 8.91
CA SER B 305 -11.95 0.85 10.29
C SER B 305 -11.13 1.56 11.35
N CYS B 306 -9.90 1.95 11.03
CA CYS B 306 -9.05 2.58 12.02
C CYS B 306 -9.69 3.79 12.74
N ASP B 307 -10.18 4.76 11.97
CA ASP B 307 -10.80 5.93 12.59
C ASP B 307 -12.14 5.66 13.22
N ILE B 308 -12.89 4.70 12.66
CA ILE B 308 -14.19 4.31 13.21
C ILE B 308 -13.98 3.68 14.59
N ALA B 309 -12.98 2.81 14.69
CA ALA B 309 -12.63 2.12 15.94
C ALA B 309 -12.06 3.10 16.96
N LEU B 310 -11.32 4.08 16.48
CA LEU B 310 -10.74 5.06 17.37
C LEU B 310 -11.89 5.80 18.09
N GLU B 311 -12.88 6.22 17.30
CA GLU B 311 -14.05 6.94 17.81
C GLU B 311 -14.85 6.05 18.73
N ILE B 312 -15.00 4.77 18.37
CA ILE B 312 -15.70 3.81 19.23
C ILE B 312 -14.94 3.68 20.56
N ALA B 313 -13.60 3.62 20.48
CA ALA B 313 -12.79 3.51 21.68
C ALA B 313 -13.02 4.79 22.52
N ARG B 314 -13.09 5.94 21.86
CA ARG B 314 -13.32 7.19 22.57
C ARG B 314 -14.65 7.16 23.32
N ILE B 315 -15.72 6.76 22.63
CA ILE B 315 -17.04 6.70 23.27
C ILE B 315 -17.10 5.71 24.42
N LEU B 316 -16.35 4.61 24.33
CA LEU B 316 -16.38 3.58 25.39
C LEU B 316 -15.39 3.81 26.51
N GLY B 317 -14.49 4.78 26.31
CA GLY B 317 -13.46 5.06 27.29
C GLY B 317 -12.55 3.86 27.42
N LYS B 318 -12.16 3.28 26.29
CA LYS B 318 -11.28 2.12 26.30
C LYS B 318 -10.09 2.37 25.43
N PRO B 319 -8.97 1.74 25.74
CA PRO B 319 -7.80 1.98 24.87
C PRO B 319 -7.97 1.41 23.45
N TYR B 320 -7.38 2.11 22.50
CA TYR B 320 -7.39 1.73 21.11
C TYR B 320 -5.96 1.23 20.87
N ARG B 321 -5.79 0.05 20.27
CA ARG B 321 -4.45 -0.48 20.01
C ARG B 321 -4.41 -1.15 18.62
N GLN B 322 -3.28 -1.01 17.92
CA GLN B 322 -3.07 -1.59 16.60
C GLN B 322 -2.76 -3.07 16.84
N GLY B 323 -3.79 -3.91 16.81
CA GLY B 323 -3.57 -5.35 17.03
C GLY B 323 -3.23 -6.10 15.73
N PHE B 324 -3.71 -5.58 14.61
CA PHE B 324 -3.49 -6.20 13.31
C PHE B 324 -2.82 -5.21 12.42
N VAL B 325 -1.88 -5.69 11.61
CA VAL B 325 -1.20 -4.85 10.65
C VAL B 325 -1.53 -5.51 9.31
N LYS B 326 -1.96 -4.71 8.35
CA LYS B 326 -2.29 -5.21 7.03
C LYS B 326 -1.01 -5.31 6.24
N ASN B 327 -0.78 -6.46 5.61
CA ASN B 327 0.42 -6.65 4.80
C ASN B 327 0.26 -5.79 3.56
N ARG B 328 0.99 -4.68 3.50
CA ARG B 328 0.89 -3.79 2.36
C ARG B 328 1.16 -4.50 1.04
N TYR B 329 2.02 -5.49 1.07
CA TYR B 329 2.36 -6.19 -0.14
C TYR B 329 1.91 -7.61 -0.04
N VAL B 330 1.19 -8.07 -1.05
N VAL B 330 1.21 -8.07 -1.06
CA VAL B 330 0.72 -9.44 -1.11
CA VAL B 330 0.72 -9.44 -1.10
C VAL B 330 1.22 -9.94 -2.44
C VAL B 330 1.24 -9.94 -2.44
N GLY B 331 1.67 -11.19 -2.48
CA GLY B 331 2.16 -11.74 -3.73
C GLY B 331 1.21 -12.78 -4.28
N ARG B 332 1.67 -13.52 -5.28
CA ARG B 332 0.90 -14.58 -5.88
C ARG B 332 1.19 -15.86 -5.12
N THR B 333 0.21 -16.76 -5.14
CA THR B 333 0.42 -18.06 -4.54
C THR B 333 0.48 -18.93 -5.79
N PHE B 334 1.67 -19.39 -6.13
CA PHE B 334 1.84 -20.22 -7.31
C PHE B 334 1.38 -21.65 -7.04
N ILE B 335 0.67 -22.22 -8.00
CA ILE B 335 0.18 -23.59 -7.91
C ILE B 335 1.35 -24.49 -8.27
N MET B 336 1.98 -25.04 -7.23
CA MET B 336 3.15 -25.88 -7.40
C MET B 336 2.83 -27.31 -7.04
N PRO B 337 3.37 -28.28 -7.78
CA PRO B 337 3.13 -29.70 -7.52
C PRO B 337 3.31 -30.07 -6.03
N GLY B 338 2.19 -30.35 -5.35
CA GLY B 338 2.23 -30.70 -3.94
C GLY B 338 2.71 -29.62 -2.99
N GLN B 339 1.99 -28.48 -2.94
CA GLN B 339 2.32 -27.33 -2.08
C GLN B 339 2.23 -27.68 -0.60
N GLN B 340 3.26 -28.37 -0.13
CA GLN B 340 3.36 -28.86 1.23
C GLN B 340 2.61 -28.21 2.41
N LEU B 341 3.07 -27.06 2.89
CA LEU B 341 2.39 -26.41 4.01
C LEU B 341 2.02 -24.97 3.64
N ARG B 342 0.90 -24.86 2.95
CA ARG B 342 0.38 -23.58 2.49
C ARG B 342 0.24 -22.52 3.60
N ARG B 343 0.53 -21.27 3.23
CA ARG B 343 0.43 -20.15 4.15
C ARG B 343 -1.05 -19.81 4.25
N LYS B 344 -1.53 -19.61 5.48
CA LYS B 344 -2.93 -19.29 5.69
C LYS B 344 -3.38 -18.03 4.99
N SER B 345 -4.49 -18.20 4.30
CA SER B 345 -5.16 -17.18 3.54
C SER B 345 -5.25 -15.84 4.34
N VAL B 346 -5.70 -15.92 5.57
CA VAL B 346 -5.81 -14.74 6.43
C VAL B 346 -4.42 -14.08 6.65
N ARG B 347 -3.35 -14.88 6.77
CA ARG B 347 -2.01 -14.35 7.01
C ARG B 347 -1.42 -13.63 5.82
N ARG B 348 -1.95 -13.92 4.65
N ARG B 348 -1.95 -13.92 4.65
CA ARG B 348 -1.51 -13.24 3.45
CA ARG B 348 -1.50 -13.23 3.45
C ARG B 348 -1.93 -11.76 3.55
C ARG B 348 -1.93 -11.76 3.55
N LYS B 349 -3.12 -11.54 4.11
CA LYS B 349 -3.71 -10.21 4.26
C LYS B 349 -3.23 -9.41 5.47
N LEU B 350 -3.24 -10.05 6.64
CA LEU B 350 -2.88 -9.42 7.89
C LEU B 350 -1.87 -10.18 8.71
N ASN B 351 -1.36 -9.48 9.73
CA ASN B 351 -0.47 -10.06 10.72
C ASN B 351 -0.89 -9.53 12.10
N ALA B 352 -0.91 -10.42 13.07
CA ALA B 352 -1.29 -10.05 14.40
C ALA B 352 -0.07 -9.76 15.27
N ASN B 353 -0.16 -8.68 16.04
CA ASN B 353 0.90 -8.32 16.99
C ASN B 353 0.51 -9.12 18.23
N ARG B 354 1.18 -10.22 18.51
CA ARG B 354 0.83 -11.09 19.65
C ARG B 354 0.56 -10.38 20.99
N ALA B 355 1.42 -9.41 21.32
CA ALA B 355 1.32 -8.67 22.58
C ALA B 355 -0.02 -7.95 22.80
N GLU B 356 -0.66 -7.51 21.73
CA GLU B 356 -1.92 -6.78 21.85
C GLU B 356 -3.19 -7.61 22.14
N PHE B 357 -3.06 -8.93 22.07
CA PHE B 357 -4.21 -9.80 22.31
C PHE B 357 -4.06 -10.64 23.56
N ARG B 358 -2.82 -10.96 23.93
CA ARG B 358 -2.55 -11.82 25.07
C ARG B 358 -3.34 -11.54 26.34
N ASP B 359 -4.17 -12.53 26.71
CA ASP B 359 -5.04 -12.45 27.89
C ASP B 359 -5.96 -11.26 27.97
N LYS B 360 -6.51 -10.84 26.83
CA LYS B 360 -7.41 -9.70 26.80
C LYS B 360 -8.69 -10.04 26.11
N ASN B 361 -9.77 -9.40 26.57
CA ASN B 361 -11.09 -9.51 25.96
C ASN B 361 -10.97 -8.35 24.99
N VAL B 362 -11.01 -8.67 23.70
CA VAL B 362 -10.82 -7.67 22.67
C VAL B 362 -12.12 -7.39 21.91
N LEU B 363 -12.28 -6.13 21.50
CA LEU B 363 -13.42 -5.73 20.68
C LEU B 363 -12.81 -5.39 19.34
N LEU B 364 -13.10 -6.18 18.30
CA LEU B 364 -12.59 -5.93 16.98
C LEU B 364 -13.65 -5.14 16.20
N VAL B 365 -13.20 -4.26 15.32
CA VAL B 365 -14.10 -3.43 14.52
C VAL B 365 -13.74 -3.58 13.05
N ASP B 366 -14.71 -4.01 12.24
CA ASP B 366 -14.53 -4.13 10.79
C ASP B 366 -15.61 -3.27 10.13
N ASP B 367 -15.38 -2.88 8.88
CA ASP B 367 -16.31 -2.02 8.19
C ASP B 367 -17.63 -2.69 7.82
N SER B 368 -17.56 -3.99 7.55
CA SER B 368 -18.75 -4.74 7.15
C SER B 368 -18.43 -6.22 7.17
N ILE B 369 -19.48 -7.03 7.01
CA ILE B 369 -19.38 -8.48 6.98
C ILE B 369 -20.20 -8.86 5.73
N VAL B 370 -19.56 -9.59 4.82
CA VAL B 370 -20.20 -10.02 3.59
C VAL B 370 -20.47 -11.56 3.58
N ARG B 371 -19.42 -12.33 3.34
CA ARG B 371 -19.50 -13.79 3.32
C ARG B 371 -19.31 -14.29 4.73
N GLY B 372 -18.54 -13.55 5.51
CA GLY B 372 -18.29 -13.94 6.88
C GLY B 372 -17.09 -14.86 7.05
N THR B 373 -16.54 -15.32 5.93
CA THR B 373 -15.38 -16.23 5.95
C THR B 373 -14.10 -15.59 6.55
N THR B 374 -13.69 -14.44 6.03
CA THR B 374 -12.51 -13.76 6.58
C THR B 374 -12.72 -13.32 8.03
N SER B 375 -13.97 -13.00 8.39
CA SER B 375 -14.30 -12.59 9.77
C SER B 375 -14.03 -13.74 10.69
N GLU B 376 -14.41 -14.94 10.27
CA GLU B 376 -14.18 -16.08 11.11
C GLU B 376 -12.70 -16.34 11.30
N GLN B 377 -11.94 -16.16 10.22
CA GLN B 377 -10.49 -16.36 10.27
C GLN B 377 -9.78 -15.29 11.15
N ILE B 378 -10.25 -14.04 11.09
CA ILE B 378 -9.65 -12.98 11.90
C ILE B 378 -9.87 -13.23 13.39
N ILE B 379 -11.08 -13.68 13.72
CA ILE B 379 -11.44 -14.05 15.07
C ILE B 379 -10.48 -15.14 15.58
N GLU B 380 -10.24 -16.11 14.73
CA GLU B 380 -9.35 -17.22 15.04
C GLU B 380 -7.93 -16.73 15.28
N MET B 381 -7.49 -15.82 14.44
CA MET B 381 -6.15 -15.25 14.53
C MET B 381 -5.96 -14.60 15.91
N ALA B 382 -7.00 -13.91 16.39
CA ALA B 382 -6.99 -13.25 17.69
C ALA B 382 -6.91 -14.25 18.84
N ARG B 383 -7.69 -15.34 18.79
CA ARG B 383 -7.61 -16.32 19.86
C ARG B 383 -6.21 -16.95 19.87
N GLU B 384 -5.70 -17.17 18.68
CA GLU B 384 -4.38 -17.75 18.47
C GLU B 384 -3.30 -16.81 19.04
N ALA B 385 -3.53 -15.50 18.96
CA ALA B 385 -2.61 -14.50 19.49
C ALA B 385 -2.80 -14.36 21.00
N GLY B 386 -3.67 -15.19 21.58
CA GLY B 386 -3.87 -15.16 23.02
C GLY B 386 -5.08 -14.47 23.61
N ALA B 387 -6.03 -14.02 22.79
CA ALA B 387 -7.22 -13.34 23.29
C ALA B 387 -8.11 -14.29 24.05
N LYS B 388 -8.80 -13.77 25.07
CA LYS B 388 -9.73 -14.58 25.86
C LYS B 388 -11.12 -14.46 25.22
N LYS B 389 -11.73 -13.28 25.32
CA LYS B 389 -13.04 -13.06 24.66
C LYS B 389 -12.76 -12.23 23.40
N VAL B 390 -13.44 -12.57 22.32
CA VAL B 390 -13.30 -11.88 21.07
C VAL B 390 -14.68 -11.42 20.59
N TYR B 391 -14.90 -10.12 20.59
CA TYR B 391 -16.17 -9.54 20.16
C TYR B 391 -15.99 -8.87 18.83
N LEU B 392 -17.03 -8.83 18.01
CA LEU B 392 -16.89 -8.18 16.72
C LEU B 392 -18.00 -7.15 16.45
N ALA B 393 -17.60 -5.97 15.98
CA ALA B 393 -18.55 -4.93 15.64
C ALA B 393 -18.36 -4.51 14.19
N SER B 394 -19.49 -4.38 13.48
N SER B 394 -19.45 -4.40 13.44
CA SER B 394 -19.53 -4.01 12.08
CA SER B 394 -19.37 -3.98 12.06
C SER B 394 -20.07 -2.59 11.89
C SER B 394 -20.02 -2.62 11.90
N ALA B 395 -19.26 -1.72 11.28
CA ALA B 395 -19.67 -0.36 11.05
C ALA B 395 -20.91 -0.28 10.15
N ALA B 396 -21.12 -1.34 9.37
CA ALA B 396 -22.26 -1.37 8.48
C ALA B 396 -23.32 -2.31 8.99
N PRO B 397 -24.60 -1.98 8.74
CA PRO B 397 -25.66 -2.87 9.19
C PRO B 397 -25.44 -4.23 8.44
N GLU B 398 -26.27 -5.21 8.72
CA GLU B 398 -26.23 -6.50 8.04
C GLU B 398 -26.37 -6.36 6.52
N ILE B 399 -25.50 -7.02 5.77
CA ILE B 399 -25.52 -6.96 4.32
C ILE B 399 -26.30 -8.20 3.88
N ARG B 400 -27.54 -7.97 3.43
CA ARG B 400 -28.38 -9.08 3.06
C ARG B 400 -28.81 -9.18 1.63
N PHE B 401 -28.56 -8.16 0.84
CA PHE B 401 -29.00 -8.20 -0.55
C PHE B 401 -27.92 -7.84 -1.54
N PRO B 402 -28.00 -8.36 -2.77
CA PRO B 402 -26.97 -8.02 -3.75
C PRO B 402 -27.15 -6.59 -4.25
N ASN B 403 -26.06 -5.98 -4.68
CA ASN B 403 -26.09 -4.64 -5.22
C ASN B 403 -26.07 -4.76 -6.74
N VAL B 404 -26.97 -4.08 -7.42
CA VAL B 404 -27.03 -4.15 -8.85
C VAL B 404 -26.82 -2.74 -9.45
N TYR B 405 -26.11 -1.88 -8.69
CA TYR B 405 -25.87 -0.50 -9.10
C TYR B 405 -24.41 -0.13 -9.30
N GLY B 406 -23.56 -1.14 -9.36
CA GLY B 406 -22.17 -0.86 -9.64
C GLY B 406 -21.21 -1.28 -8.57
N ILE B 407 -21.72 -1.78 -7.45
CA ILE B 407 -20.85 -2.24 -6.39
C ILE B 407 -20.90 -3.78 -6.45
N ASP B 408 -19.74 -4.40 -6.53
CA ASP B 408 -19.67 -5.85 -6.59
C ASP B 408 -19.87 -6.50 -5.24
N MET B 409 -21.01 -7.18 -5.12
CA MET B 409 -21.42 -7.89 -3.90
C MET B 409 -21.88 -9.28 -4.39
N PRO B 410 -21.66 -10.33 -3.58
CA PRO B 410 -22.14 -11.65 -4.05
C PRO B 410 -23.68 -11.76 -4.04
N SER B 411 -24.20 -12.92 -4.47
CA SER B 411 -25.65 -13.12 -4.51
C SER B 411 -26.18 -13.29 -3.09
N ALA B 412 -27.48 -13.08 -2.93
CA ALA B 412 -28.12 -13.17 -1.61
C ALA B 412 -27.85 -14.44 -0.80
N THR B 413 -27.84 -15.62 -1.45
CA THR B 413 -27.61 -16.84 -0.69
C THR B 413 -26.16 -16.95 -0.22
N GLU B 414 -25.28 -16.12 -0.77
CA GLU B 414 -23.87 -16.11 -0.38
C GLU B 414 -23.53 -15.16 0.78
N LEU B 415 -24.44 -14.25 1.09
CA LEU B 415 -24.26 -13.28 2.16
C LEU B 415 -24.59 -13.97 3.47
N ILE B 416 -23.64 -14.03 4.39
CA ILE B 416 -23.91 -14.71 5.66
C ILE B 416 -25.13 -14.22 6.44
N ALA B 417 -25.39 -12.91 6.33
CA ALA B 417 -26.51 -12.28 7.03
C ALA B 417 -27.85 -12.68 6.42
N HIS B 418 -27.81 -13.08 5.16
CA HIS B 418 -29.02 -13.47 4.46
C HIS B 418 -29.77 -14.58 5.17
N GLY B 419 -31.02 -14.29 5.54
CA GLY B 419 -31.87 -15.27 6.22
C GLY B 419 -31.40 -15.69 7.60
N ARG B 420 -30.56 -14.87 8.23
CA ARG B 420 -30.04 -15.19 9.55
C ARG B 420 -30.11 -14.04 10.56
N GLU B 421 -30.35 -14.42 11.81
CA GLU B 421 -30.39 -13.50 12.95
C GLU B 421 -28.92 -13.26 13.29
N VAL B 422 -28.64 -12.15 14.00
CA VAL B 422 -27.28 -11.79 14.42
C VAL B 422 -26.66 -12.91 15.23
N ASP B 423 -27.42 -13.51 16.13
CA ASP B 423 -26.88 -14.59 16.95
C ASP B 423 -26.48 -15.84 16.16
N GLU B 424 -27.14 -16.09 15.04
CA GLU B 424 -26.78 -17.23 14.22
C GLU B 424 -25.48 -16.91 13.49
N ILE B 425 -25.36 -15.68 13.00
CA ILE B 425 -24.14 -15.27 12.30
C ILE B 425 -22.98 -15.35 13.30
N ARG B 426 -23.23 -14.90 14.52
CA ARG B 426 -22.25 -14.91 15.60
C ARG B 426 -21.68 -16.32 15.81
N GLN B 427 -22.58 -17.31 15.97
CA GLN B 427 -22.15 -18.70 16.17
C GLN B 427 -21.33 -19.19 15.00
N ILE B 428 -21.76 -18.88 13.78
CA ILE B 428 -21.03 -19.32 12.60
C ILE B 428 -19.61 -18.77 12.56
N ILE B 429 -19.46 -17.46 12.78
CA ILE B 429 -18.12 -16.89 12.75
C ILE B 429 -17.28 -17.19 14.00
N GLY B 430 -17.93 -17.69 15.05
CA GLY B 430 -17.18 -18.03 16.25
C GLY B 430 -16.83 -16.91 17.20
N ALA B 431 -17.56 -15.80 17.13
CA ALA B 431 -17.31 -14.67 18.02
C ALA B 431 -18.05 -14.88 19.32
N ASP B 432 -17.54 -14.32 20.41
CA ASP B 432 -18.21 -14.39 21.70
C ASP B 432 -19.38 -13.43 21.67
N GLY B 433 -19.35 -12.48 20.74
CA GLY B 433 -20.39 -11.49 20.61
C GLY B 433 -20.25 -10.79 19.26
N LEU B 434 -21.38 -10.38 18.70
CA LEU B 434 -21.44 -9.73 17.40
C LEU B 434 -22.48 -8.60 17.43
N ILE B 435 -22.16 -7.43 16.91
CA ILE B 435 -23.11 -6.33 16.91
C ILE B 435 -22.92 -5.54 15.61
N PHE B 436 -24.03 -5.15 14.99
CA PHE B 436 -24.02 -4.38 13.76
C PHE B 436 -24.55 -2.97 13.98
N GLN B 437 -24.15 -2.07 13.10
CA GLN B 437 -24.64 -0.70 13.09
C GLN B 437 -26.15 -0.81 12.74
N ASP B 438 -26.98 0.05 13.32
CA ASP B 438 -28.40 0.07 12.98
C ASP B 438 -28.46 0.93 11.71
N LEU B 439 -29.30 0.56 10.76
CA LEU B 439 -29.37 1.28 9.48
C LEU B 439 -29.76 2.72 9.68
N ASN B 440 -30.74 2.98 10.56
CA ASN B 440 -31.13 4.37 10.76
C ASN B 440 -29.96 5.19 11.34
N ASP B 441 -29.13 4.56 12.17
CA ASP B 441 -27.94 5.20 12.72
C ASP B 441 -26.92 5.49 11.63
N LEU B 442 -26.72 4.52 10.74
CA LEU B 442 -25.79 4.75 9.63
C LEU B 442 -26.29 5.95 8.81
N ILE B 443 -27.59 5.98 8.54
CA ILE B 443 -28.18 7.07 7.77
C ILE B 443 -27.98 8.42 8.45
N ASP B 444 -28.22 8.47 9.76
CA ASP B 444 -28.05 9.70 10.53
C ASP B 444 -26.60 10.14 10.55
N ALA B 445 -25.70 9.16 10.70
CA ALA B 445 -24.27 9.45 10.73
C ALA B 445 -23.83 10.17 9.46
N VAL B 446 -24.36 9.77 8.31
CA VAL B 446 -23.96 10.37 7.03
C VAL B 446 -24.73 11.67 6.74
N ARG B 447 -26.04 11.63 7.01
CA ARG B 447 -26.95 12.76 6.80
C ARG B 447 -26.52 13.97 7.63
N ALA B 448 -25.97 13.68 8.81
CA ALA B 448 -25.48 14.74 9.70
C ALA B 448 -24.52 15.65 8.96
N GLU B 449 -23.85 15.14 7.93
CA GLU B 449 -22.92 15.95 7.19
C GLU B 449 -23.60 16.79 6.11
N ASN B 450 -24.83 16.45 5.76
CA ASN B 450 -25.59 17.19 4.76
C ASN B 450 -27.04 16.77 4.90
N PRO B 451 -27.80 17.49 5.73
CA PRO B 451 -29.22 17.20 5.96
C PRO B 451 -30.11 17.29 4.74
N ASP B 452 -29.66 17.93 3.67
CA ASP B 452 -30.47 18.04 2.45
C ASP B 452 -30.73 16.68 1.81
N ILE B 453 -29.81 15.73 1.99
CA ILE B 453 -29.99 14.40 1.41
C ILE B 453 -30.95 13.74 2.35
N GLN B 454 -32.11 13.37 1.84
CA GLN B 454 -33.11 12.76 2.68
C GLN B 454 -33.20 11.24 2.56
N GLN B 455 -32.77 10.72 1.43
CA GLN B 455 -32.79 9.28 1.20
C GLN B 455 -31.49 8.82 0.52
N PHE B 456 -30.97 7.69 0.98
CA PHE B 456 -29.75 7.07 0.42
C PHE B 456 -30.14 5.77 -0.31
N GLU B 457 -29.26 5.29 -1.18
CA GLU B 457 -29.48 4.04 -1.90
C GLU B 457 -29.03 3.00 -0.87
N CYS B 458 -29.97 2.24 -0.29
CA CYS B 458 -29.69 1.22 0.73
C CYS B 458 -29.97 -0.23 0.39
N SER B 459 -30.27 -0.55 -0.86
CA SER B 459 -30.61 -1.91 -1.25
C SER B 459 -29.84 -3.08 -0.63
N VAL B 460 -28.52 -3.01 -0.50
CA VAL B 460 -27.77 -4.14 0.09
C VAL B 460 -28.22 -4.39 1.53
N PHE B 461 -28.70 -3.33 2.19
CA PHE B 461 -29.19 -3.41 3.55
C PHE B 461 -30.69 -3.69 3.67
N ASN B 462 -31.51 -3.07 2.83
CA ASN B 462 -32.95 -3.30 2.96
C ASN B 462 -33.71 -3.98 1.81
N GLY B 463 -33.03 -4.29 0.71
CA GLY B 463 -33.73 -4.94 -0.39
C GLY B 463 -34.64 -4.03 -1.21
N VAL B 464 -34.64 -2.74 -0.89
CA VAL B 464 -35.45 -1.78 -1.62
C VAL B 464 -34.60 -1.19 -2.74
N TYR B 465 -34.97 -1.47 -3.99
CA TYR B 465 -34.27 -0.99 -5.16
C TYR B 465 -35.03 0.16 -5.79
N VAL B 466 -34.41 1.34 -5.84
CA VAL B 466 -35.07 2.53 -6.37
C VAL B 466 -35.50 2.42 -7.82
N THR B 467 -34.82 1.59 -8.61
CA THR B 467 -35.21 1.47 -10.01
C THR B 467 -36.43 0.54 -10.18
N LYS B 468 -36.84 -0.13 -9.11
N LYS B 468 -36.85 -0.12 -9.11
CA LYS B 468 -38.01 -1.01 -9.09
CA LYS B 468 -38.03 -0.99 -9.13
C LYS B 468 -38.09 -2.03 -10.24
C LYS B 468 -38.08 -2.01 -10.28
N ASP B 469 -36.93 -2.51 -10.71
CA ASP B 469 -36.91 -3.48 -11.80
C ASP B 469 -36.02 -4.67 -11.50
N VAL B 470 -35.79 -4.89 -10.21
CA VAL B 470 -34.94 -5.97 -9.75
C VAL B 470 -35.85 -7.07 -9.28
N ASP B 471 -35.76 -8.22 -9.95
CA ASP B 471 -36.56 -9.37 -9.60
C ASP B 471 -35.66 -10.60 -9.67
N GLN B 472 -36.23 -11.79 -9.41
CA GLN B 472 -35.43 -12.99 -9.43
C GLN B 472 -34.96 -13.38 -10.81
N GLY B 473 -35.73 -13.03 -11.83
CA GLY B 473 -35.31 -13.35 -13.17
C GLY B 473 -34.06 -12.57 -13.51
N TYR B 474 -33.97 -11.35 -12.97
CA TYR B 474 -32.83 -10.48 -13.21
C TYR B 474 -31.60 -10.97 -12.43
N LEU B 475 -31.82 -11.30 -11.16
CA LEU B 475 -30.74 -11.79 -10.31
C LEU B 475 -30.15 -13.07 -10.93
N ASP B 476 -31.03 -13.97 -11.34
CA ASP B 476 -30.61 -15.22 -11.96
C ASP B 476 -29.81 -14.97 -13.22
N PHE B 477 -30.24 -13.97 -14.00
CA PHE B 477 -29.52 -13.61 -15.21
C PHE B 477 -28.12 -13.11 -14.82
N LEU B 478 -28.02 -12.37 -13.72
CA LEU B 478 -26.71 -11.86 -13.30
C LEU B 478 -25.81 -13.03 -12.92
N ASP B 479 -26.37 -14.04 -12.25
CA ASP B 479 -25.60 -15.22 -11.83
C ASP B 479 -25.03 -15.96 -13.05
N THR B 480 -25.81 -16.00 -14.12
CA THR B 480 -25.40 -16.61 -15.36
C THR B 480 -24.16 -15.85 -15.87
N LEU B 481 -24.24 -14.52 -15.93
CA LEU B 481 -23.14 -13.68 -16.39
C LEU B 481 -21.88 -14.00 -15.60
N ARG B 482 -22.03 -14.09 -14.28
CA ARG B 482 -20.94 -14.40 -13.37
C ARG B 482 -20.29 -15.76 -13.69
N ASN B 483 -21.13 -16.75 -14.02
CA ASN B 483 -20.72 -18.11 -14.38
C ASN B 483 -19.89 -18.12 -15.69
N ASP B 484 -20.37 -17.42 -16.72
CA ASP B 484 -19.67 -17.35 -17.99
C ASP B 484 -18.34 -16.66 -17.79
N ASP B 485 -18.33 -15.65 -16.90
CA ASP B 485 -17.10 -14.91 -16.59
C ASP B 485 -16.08 -15.83 -15.93
N ALA B 486 -16.55 -16.66 -14.99
CA ALA B 486 -15.72 -17.61 -14.27
C ALA B 486 -15.09 -18.60 -15.26
N LYS B 487 -15.88 -19.06 -16.23
CA LYS B 487 -15.38 -19.98 -17.25
C LYS B 487 -14.24 -19.34 -18.05
N ALA B 488 -14.45 -18.08 -18.45
CA ALA B 488 -13.45 -17.33 -19.22
C ALA B 488 -12.13 -17.14 -18.49
N VAL B 489 -12.21 -16.94 -17.16
CA VAL B 489 -11.03 -16.75 -16.31
C VAL B 489 -10.32 -18.10 -16.09
N GLN B 490 -11.11 -19.17 -15.95
CA GLN B 490 -10.60 -20.52 -15.78
C GLN B 490 -9.81 -20.94 -17.03
N ARG B 491 -10.38 -20.71 -18.22
CA ARG B 491 -9.71 -21.06 -19.46
C ARG B 491 -8.36 -20.34 -19.59
N GLN B 492 -8.35 -19.04 -19.29
CA GLN B 492 -7.15 -18.22 -19.34
C GLN B 492 -6.01 -18.79 -18.48
N ASN B 493 -6.37 -19.46 -17.39
CA ASN B 493 -5.39 -20.07 -16.49
C ASN B 493 -4.92 -21.39 -17.07
N GLU B 494 -5.88 -22.24 -17.44
CA GLU B 494 -5.59 -23.56 -18.01
C GLU B 494 -4.30 -23.67 -18.82
N VAL B 495 -4.09 -22.85 -19.85
CA VAL B 495 -2.81 -22.95 -20.58
C VAL B 495 -1.71 -21.97 -20.14
N GLU B 496 -2.02 -21.07 -19.20
CA GLU B 496 -0.96 -20.19 -18.67
C GLU B 496 -0.10 -21.22 -17.91
N ASN B 497 -0.79 -22.24 -17.38
CA ASN B 497 -0.20 -23.35 -16.64
C ASN B 497 0.43 -24.38 -17.59
N LEU B 498 -0.31 -24.77 -18.63
CA LEU B 498 0.18 -25.74 -19.60
C LEU B 498 1.34 -25.21 -20.45
N GLU B 499 1.54 -23.89 -20.45
CA GLU B 499 2.62 -23.26 -21.23
C GLU B 499 4.01 -23.50 -20.63
N MET B 500 4.06 -23.86 -19.35
CA MET B 500 5.30 -24.15 -18.63
C MET B 500 5.93 -25.45 -19.16
#